data_7XXI
#
_entry.id   7XXI
#
_cell.length_a   1.00
_cell.length_b   1.00
_cell.length_c   1.00
_cell.angle_alpha   90.00
_cell.angle_beta   90.00
_cell.angle_gamma   90.00
#
_symmetry.space_group_name_H-M   'P 1'
#
loop_
_entity.id
_entity.type
_entity.pdbx_description
1 polymer 'P2Y purinoceptor 12'
2 polymer 'Guanine nucleotide-binding protein G(i) subunit alpha-2'
3 polymer 'Guanine nucleotide-binding protein G(I)/G(S)/G(T) subunit beta-1'
4 polymer 'Guanine nucleotide-binding protein G(I)/G(S)/G(O) subunit gamma-2'
5 non-polymer "2-(methylsulfanyl)adenosine 5'-(trihydrogen diphosphate)"
#
loop_
_entity_poly.entity_id
_entity_poly.type
_entity_poly.pdbx_seq_one_letter_code
_entity_poly.pdbx_strand_id
1 'polypeptide(L)'
;GAPQAVDNLTSAPGNTSLCTRDYKITQVLFPLLYTVLFFVGLITNGLAMRIFFQIRSKSNFIIFLKNTVISDLLMILTFP
FKILSDAKLGTGPLRTFVCQVTSVIFYFTMYISISFLGLITIDRYQKTTRPFKTSNPKNLLGAKILSVVIWAFMFLLSLP
NMILTNRQPRDKNVKKCSFLKSEFGLVWHEIVNYICQVIFWINFLIVIVCYTLITKELYRSYVRTRGVGKVPRKKVNVKV
FIIIAVFFICFVPFHFARIPYTLSQTRDVFDCTAENTLFYVKESTLWLTSLNACLDPFIYFFLCKSFRNSLISMLKCPNS
ATSLSQDNRKKEQDGGDPNEETPMEFLEVLFQGPGSWSHPQFEKGSGAGASAGSWSHPQFEK
;
A
2 'polypeptide(L)'
;MGCTVSAEDKAAAERSKMIDKNLREDGEKAAREVKLLLLGAGESGKNTIVKQMKIIHEDGYSEEECRQYRAVVYSNTIQS
IMAIVKAMGNLQIDFADPSRADDARQLFALSCTAEEQGVLPDDLSGVIRRLWADHGVQACFGRSREYQLNDSAAYYLNDL
ERIAQSDYIPTQQDVLRTRVKTTGIVETHFTFKDLHFKMFDVGAQRSERKKWIHCFEGVTAIIFCVALSAYDLVLAEDEE
MNRMHASMKLFDSICNNKWFTDTSIILFLNKKDLFEEKITHSPLTICFPEYTGANKYDEAASYIQSKFEDLNKRKDTKEI
YTHFTCSTDTKNVQFVFDAVTDVIIKNNLKDCGLF
;
B
3 'polypeptide(L)'
;MHHHHHHSELDQLRQEAEQLKNQIRDARKACADATLSQITNNIDPVGRIQMRTRRTLRGHLAKIYAMHWGTDSRLLVSAS
QDGKLIIWDSYTTNKVHAIPLRSSWVMTCAYAPSGNYVACGGLDNICSIYNLKTREGNVRVSRELAGHTGYLSCCRFLDD
NQIVTSSGDTTCALWDIETGQQTTTFTGHTGDVMSLSLAPDTRLFVSGACDASAKLWDVREGMCRQTFTGHESDINAICF
FPNGNAFATGSDDATCRLFDLRADQELMTYSHDNIICGITSVSFSKSGRLLLAGYDDFNCNVWDALKADRAGVLAGHDNR
VSCLGVTDDGMAVATGSWDSFLKIWN
;
C
4 'polypeptide(L)' MASNNTASIAQARKLVEQLKMEANIDRIKVSKAAADLMAYCEAHAKEDPLLTPVPASENPFREKKFFCAIL G
#
loop_
_chem_comp.id
_chem_comp.type
_chem_comp.name
_chem_comp.formula
6AD non-polymer '2-(methylsulfanyl)adenosine 5'-(trihydrogen diphosphate)' 'C11 H17 N5 O10 P2 S'
#
# COMPACT_ATOMS: atom_id res chain seq x y z
N ASP A 22 20.06 40.39 -41.86
CA ASP A 22 18.61 40.52 -41.89
C ASP A 22 17.96 39.36 -42.63
N TYR A 23 17.65 38.29 -41.89
CA TYR A 23 17.02 37.10 -42.48
C TYR A 23 15.63 37.43 -42.99
N LYS A 24 14.74 37.86 -42.09
CA LYS A 24 13.37 38.22 -42.43
C LYS A 24 12.74 38.89 -41.22
N ILE A 25 11.59 39.53 -41.46
CA ILE A 25 10.82 40.11 -40.35
C ILE A 25 10.07 39.01 -39.62
N THR A 26 9.79 37.88 -40.29
CA THR A 26 9.05 36.77 -39.70
C THR A 26 9.76 36.22 -38.47
N GLN A 27 11.02 36.63 -38.25
CA GLN A 27 11.71 36.31 -37.02
C GLN A 27 10.87 36.67 -35.81
N VAL A 28 10.22 37.84 -35.83
CA VAL A 28 9.39 38.26 -34.72
C VAL A 28 8.26 37.27 -34.45
N LEU A 29 7.73 36.64 -35.51
CA LEU A 29 6.65 35.67 -35.31
C LEU A 29 7.14 34.44 -34.56
N PHE A 30 8.44 34.17 -34.62
CA PHE A 30 8.92 32.86 -34.17
C PHE A 30 8.94 32.69 -32.64
N PRO A 31 9.43 33.64 -31.83
CA PRO A 31 9.38 33.43 -30.37
C PRO A 31 7.97 33.34 -29.83
N LEU A 32 6.98 33.83 -30.57
CA LEU A 32 5.59 33.64 -30.15
C LEU A 32 5.27 32.16 -29.94
N LEU A 33 5.73 31.31 -30.86
CA LEU A 33 5.59 29.87 -30.65
C LEU A 33 6.13 29.49 -29.27
N TYR A 34 7.34 29.95 -28.94
CA TYR A 34 7.90 29.66 -27.62
C TYR A 34 6.95 30.06 -26.50
N THR A 35 6.33 31.24 -26.57
CA THR A 35 5.47 31.62 -25.46
C THR A 35 4.21 30.77 -25.45
N VAL A 36 3.73 30.37 -26.63
CA VAL A 36 2.68 29.36 -26.68
C VAL A 36 3.22 28.05 -26.13
N LEU A 37 4.49 27.76 -26.41
CA LEU A 37 5.17 26.63 -25.79
C LEU A 37 5.45 26.90 -24.32
N PHE A 38 5.55 28.17 -23.93
CA PHE A 38 6.00 28.49 -22.58
C PHE A 38 4.88 28.36 -21.57
N PHE A 39 3.79 29.12 -21.76
CA PHE A 39 2.73 29.20 -20.76
C PHE A 39 2.21 27.81 -20.39
N VAL A 40 1.81 27.02 -21.40
CA VAL A 40 1.37 25.67 -21.11
C VAL A 40 2.47 24.87 -20.44
N GLY A 41 3.71 24.97 -20.96
CA GLY A 41 4.81 24.32 -20.28
C GLY A 41 4.94 24.78 -18.85
N LEU A 42 4.74 26.08 -18.62
CA LEU A 42 4.88 26.63 -17.28
C LEU A 42 3.95 25.94 -16.30
N ILE A 43 2.83 25.41 -16.78
CA ILE A 43 1.95 24.70 -15.86
C ILE A 43 2.23 23.20 -15.90
N THR A 44 2.61 22.67 -17.07
CA THR A 44 2.76 21.22 -17.17
C THR A 44 3.84 20.70 -16.24
N ASN A 45 5.04 21.27 -16.32
CA ASN A 45 6.07 20.94 -15.35
C ASN A 45 5.60 21.26 -13.94
N GLY A 46 4.85 22.35 -13.79
CA GLY A 46 4.24 22.62 -12.49
C GLY A 46 3.36 21.49 -12.02
N LEU A 47 2.54 20.94 -12.93
CA LEU A 47 1.75 19.76 -12.58
C LEU A 47 2.67 18.60 -12.22
N ALA A 48 3.81 18.49 -12.91
CA ALA A 48 4.79 17.47 -12.56
C ALA A 48 5.69 17.91 -11.41
N MET A 49 5.64 19.18 -11.01
CA MET A 49 6.48 19.64 -9.91
C MET A 49 5.99 19.11 -8.58
N ARG A 50 4.68 19.18 -8.35
CA ARG A 50 4.12 18.78 -7.06
C ARG A 50 3.78 17.30 -6.99
N ILE A 51 3.51 16.65 -8.13
CA ILE A 51 3.11 15.25 -8.12
C ILE A 51 4.32 14.34 -8.04
N PHE A 52 5.33 14.60 -8.89
CA PHE A 52 6.51 13.74 -8.91
C PHE A 52 7.28 13.83 -7.59
N PHE A 53 7.39 15.04 -7.02
CA PHE A 53 8.12 15.22 -5.77
C PHE A 53 7.33 14.80 -4.55
N GLN A 54 6.01 14.63 -4.67
CA GLN A 54 5.21 14.19 -3.53
C GLN A 54 5.57 12.77 -3.11
N ILE A 55 5.74 11.87 -4.09
CA ILE A 55 6.07 10.50 -3.78
C ILE A 55 7.55 10.39 -3.41
N ARG A 56 7.87 9.40 -2.58
CA ARG A 56 9.23 9.22 -2.11
C ARG A 56 10.10 8.59 -3.19
N SER A 57 11.41 8.58 -2.93
CA SER A 57 12.39 7.99 -3.85
C SER A 57 12.37 6.48 -3.68
N LYS A 58 11.39 5.84 -4.32
CA LYS A 58 11.26 4.39 -4.21
C LYS A 58 12.33 3.66 -5.02
N SER A 59 12.62 4.12 -6.23
CA SER A 59 13.57 3.46 -7.12
C SER A 59 14.37 4.51 -7.86
N ASN A 60 15.27 4.03 -8.74
CA ASN A 60 16.11 4.92 -9.52
C ASN A 60 15.29 5.72 -10.54
N PHE A 61 14.21 5.14 -11.03
CA PHE A 61 13.37 5.83 -12.01
C PHE A 61 12.78 7.10 -11.41
N ILE A 62 12.40 7.06 -10.13
CA ILE A 62 11.85 8.25 -9.48
C ILE A 62 12.89 9.37 -9.43
N ILE A 63 14.13 9.03 -9.07
CA ILE A 63 15.20 10.03 -9.01
C ILE A 63 15.45 10.60 -10.40
N PHE A 64 15.51 9.74 -11.41
CA PHE A 64 15.78 10.21 -12.78
C PHE A 64 14.65 11.09 -13.27
N LEU A 65 13.40 10.73 -12.96
CA LEU A 65 12.26 11.54 -13.38
C LEU A 65 12.25 12.89 -12.68
N LYS A 66 12.60 12.91 -11.39
CA LYS A 66 12.71 14.18 -10.68
C LYS A 66 13.79 15.07 -11.29
N ASN A 67 14.93 14.49 -11.64
CA ASN A 67 15.98 15.27 -12.29
C ASN A 67 15.53 15.76 -13.66
N THR A 68 14.80 14.94 -14.40
CA THR A 68 14.30 15.35 -15.71
C THR A 68 13.31 16.50 -15.60
N VAL A 69 12.40 16.44 -14.61
CA VAL A 69 11.44 17.52 -14.46
C VAL A 69 12.13 18.78 -13.94
N ILE A 70 13.20 18.64 -13.15
CA ILE A 70 13.98 19.80 -12.74
C ILE A 70 14.63 20.44 -13.96
N SER A 71 15.19 19.62 -14.86
CA SER A 71 15.77 20.15 -16.09
C SER A 71 14.73 20.84 -16.95
N ASP A 72 13.52 20.27 -17.03
CA ASP A 72 12.45 20.90 -17.78
C ASP A 72 12.03 22.24 -17.17
N LEU A 73 12.00 22.31 -15.83
CA LEU A 73 11.70 23.57 -15.17
C LEU A 73 12.78 24.61 -15.47
N LEU A 74 14.04 24.18 -15.49
CA LEU A 74 15.11 25.11 -15.87
C LEU A 74 14.96 25.56 -17.32
N MET A 75 14.53 24.65 -18.20
CA MET A 75 14.23 25.04 -19.58
C MET A 75 13.16 26.12 -19.61
N ILE A 76 12.08 25.93 -18.84
CA ILE A 76 11.00 26.91 -18.79
C ILE A 76 11.52 28.24 -18.25
N LEU A 77 12.44 28.20 -17.30
CA LEU A 77 13.02 29.42 -16.76
C LEU A 77 13.86 30.14 -17.82
N THR A 78 14.58 29.38 -18.65
CA THR A 78 15.43 30.00 -19.66
C THR A 78 14.62 30.53 -20.84
N PHE A 79 13.44 29.96 -21.11
CA PHE A 79 12.67 30.37 -22.28
C PHE A 79 12.33 31.87 -22.34
N PRO A 80 11.82 32.53 -21.30
CA PRO A 80 11.45 33.94 -21.47
C PRO A 80 12.62 34.84 -21.83
N PHE A 81 13.83 34.54 -21.31
CA PHE A 81 15.00 35.30 -21.73
C PHE A 81 15.25 35.14 -23.23
N LYS A 82 15.12 33.91 -23.73
CA LYS A 82 15.31 33.67 -25.16
C LYS A 82 14.27 34.41 -26.00
N ILE A 83 13.00 34.39 -25.57
CA ILE A 83 11.97 35.06 -26.34
C ILE A 83 12.17 36.58 -26.31
N LEU A 84 12.61 37.12 -25.18
CA LEU A 84 12.90 38.54 -25.10
C LEU A 84 14.06 38.92 -26.01
N SER A 85 15.10 38.09 -26.05
CA SER A 85 16.22 38.36 -26.94
C SER A 85 15.81 38.26 -28.40
N ASP A 86 14.99 37.28 -28.75
CA ASP A 86 14.65 37.04 -30.15
C ASP A 86 13.67 38.08 -30.67
N ALA A 87 12.65 38.43 -29.88
CA ALA A 87 11.61 39.34 -30.33
C ALA A 87 12.15 40.72 -30.65
N LYS A 88 12.65 41.42 -29.63
CA LYS A 88 13.23 42.75 -29.81
C LYS A 88 14.06 43.07 -28.58
N LEU A 89 15.36 43.30 -28.77
CA LEU A 89 16.25 43.61 -27.67
C LEU A 89 17.58 44.09 -28.24
N GLY A 90 18.25 44.96 -27.49
CA GLY A 90 19.56 45.41 -27.88
C GLY A 90 20.61 44.32 -27.73
N THR A 91 21.65 44.43 -28.56
CA THR A 91 22.72 43.43 -28.53
C THR A 91 23.45 43.45 -27.20
N GLY A 92 23.75 44.64 -26.69
CA GLY A 92 24.51 44.78 -25.47
C GLY A 92 23.81 44.28 -24.21
N PRO A 93 22.73 44.96 -23.80
CA PRO A 93 22.18 44.67 -22.47
C PRO A 93 21.64 43.26 -22.29
N LEU A 94 21.05 42.67 -23.33
CA LEU A 94 20.36 41.40 -23.15
C LEU A 94 20.88 40.27 -24.03
N ARG A 95 21.28 40.56 -25.27
CA ARG A 95 21.74 39.49 -26.15
C ARG A 95 23.03 38.87 -25.63
N THR A 96 23.97 39.69 -25.14
CA THR A 96 25.20 39.14 -24.58
C THR A 96 24.92 38.30 -23.35
N PHE A 97 24.00 38.75 -22.49
CA PHE A 97 23.65 37.97 -21.31
C PHE A 97 23.01 36.64 -21.68
N VAL A 98 22.14 36.65 -22.68
CA VAL A 98 21.47 35.41 -23.11
C VAL A 98 22.48 34.45 -23.72
N CYS A 99 23.34 34.93 -24.62
CA CYS A 99 24.32 34.08 -25.27
C CYS A 99 25.42 33.64 -24.32
N GLN A 100 25.64 34.35 -23.21
CA GLN A 100 26.74 34.01 -22.32
C GLN A 100 26.37 32.88 -21.38
N VAL A 101 25.23 32.98 -20.69
CA VAL A 101 24.85 32.02 -19.67
C VAL A 101 23.51 31.35 -19.97
N THR A 102 22.48 32.13 -20.30
CA THR A 102 21.13 31.57 -20.43
C THR A 102 21.07 30.52 -21.53
N SER A 103 21.63 30.83 -22.70
CA SER A 103 21.65 29.86 -23.78
C SER A 103 22.44 28.63 -23.39
N VAL A 104 23.63 28.82 -22.81
CA VAL A 104 24.49 27.69 -22.47
C VAL A 104 23.86 26.83 -21.39
N ILE A 105 23.22 27.45 -20.40
CA ILE A 105 22.57 26.65 -19.38
C ILE A 105 21.39 25.89 -19.98
N PHE A 106 20.66 26.51 -20.91
CA PHE A 106 19.59 25.77 -21.59
C PHE A 106 20.13 24.56 -22.33
N TYR A 107 21.25 24.74 -23.05
CA TYR A 107 21.83 23.61 -23.79
C TYR A 107 22.26 22.49 -22.86
N PHE A 108 23.00 22.80 -21.79
CA PHE A 108 23.52 21.66 -21.02
C PHE A 108 22.42 21.05 -20.16
N THR A 109 21.38 21.82 -19.81
CA THR A 109 20.23 21.22 -19.14
C THR A 109 19.46 20.30 -20.08
N MET A 110 19.37 20.66 -21.37
CA MET A 110 18.72 19.78 -22.33
C MET A 110 19.55 18.52 -22.55
N TYR A 111 20.88 18.65 -22.56
CA TYR A 111 21.74 17.48 -22.60
C TYR A 111 21.58 16.61 -21.36
N ILE A 112 21.40 17.23 -20.18
CA ILE A 112 21.15 16.50 -18.95
C ILE A 112 19.82 15.74 -19.06
N SER A 113 18.81 16.38 -19.64
CA SER A 113 17.53 15.71 -19.86
C SER A 113 17.70 14.52 -20.80
N ILE A 114 18.52 14.67 -21.84
CA ILE A 114 18.83 13.55 -22.74
C ILE A 114 19.46 12.40 -21.96
N SER A 115 20.45 12.73 -21.14
CA SER A 115 21.16 11.70 -20.37
C SER A 115 20.23 11.00 -19.40
N PHE A 116 19.32 11.75 -18.77
CA PHE A 116 18.41 11.14 -17.82
C PHE A 116 17.31 10.33 -18.50
N LEU A 117 16.89 10.72 -19.70
CA LEU A 117 16.02 9.86 -20.49
C LEU A 117 16.72 8.55 -20.82
N GLY A 118 18.01 8.62 -21.18
CA GLY A 118 18.77 7.41 -21.42
C GLY A 118 18.90 6.55 -20.18
N LEU A 119 19.10 7.17 -19.01
CA LEU A 119 19.18 6.43 -17.76
C LEU A 119 17.85 5.76 -17.43
N ILE A 120 16.74 6.45 -17.68
CA ILE A 120 15.42 5.84 -17.47
C ILE A 120 15.23 4.64 -18.39
N THR A 121 15.63 4.78 -19.65
CA THR A 121 15.54 3.67 -20.59
C THR A 121 16.40 2.49 -20.13
N ILE A 122 17.61 2.77 -19.65
CA ILE A 122 18.49 1.71 -19.15
C ILE A 122 17.87 1.03 -17.94
N ASP A 123 17.28 1.80 -17.03
CA ASP A 123 16.63 1.21 -15.86
C ASP A 123 15.46 0.33 -16.27
N ARG A 124 14.66 0.79 -17.23
CA ARG A 124 13.55 -0.03 -17.72
C ARG A 124 14.07 -1.32 -18.37
N TYR A 125 15.14 -1.23 -19.14
CA TYR A 125 15.72 -2.41 -19.77
C TYR A 125 16.22 -3.39 -18.72
N GLN A 126 16.87 -2.90 -17.66
CA GLN A 126 17.34 -3.78 -16.60
C GLN A 126 16.18 -4.41 -15.85
N LYS A 127 15.10 -3.65 -15.61
CA LYS A 127 13.95 -4.20 -14.92
C LYS A 127 13.22 -5.22 -15.77
N THR A 128 13.29 -5.09 -17.10
CA THR A 128 12.60 -6.04 -17.97
C THR A 128 13.43 -7.30 -18.18
N THR A 129 14.72 -7.15 -18.48
CA THR A 129 15.56 -8.32 -18.76
C THR A 129 15.90 -9.06 -17.46
N ARG A 130 16.17 -8.32 -16.38
CA ARG A 130 16.40 -8.92 -15.08
C ARG A 130 15.30 -8.50 -14.12
N PRO A 131 14.13 -9.15 -14.17
CA PRO A 131 13.01 -8.73 -13.31
C PRO A 131 13.21 -9.08 -11.85
N PHE A 132 13.95 -10.13 -11.53
CA PHE A 132 14.06 -10.59 -10.16
C PHE A 132 14.98 -9.73 -9.31
N LYS A 133 15.85 -8.94 -9.94
CA LYS A 133 16.75 -8.06 -9.19
C LYS A 133 15.97 -6.91 -8.58
N THR A 134 16.19 -6.66 -7.29
CA THR A 134 15.52 -5.60 -6.57
C THR A 134 16.45 -4.42 -6.38
N SER A 135 15.84 -3.25 -6.17
CA SER A 135 16.58 -2.01 -5.99
C SER A 135 16.91 -1.84 -4.50
N ASN A 136 18.18 -1.99 -4.16
CA ASN A 136 18.64 -1.85 -2.78
C ASN A 136 18.93 -0.39 -2.46
N PRO A 137 18.98 -0.05 -1.17
CA PRO A 137 19.42 1.31 -0.80
C PRO A 137 20.77 1.67 -1.39
N LYS A 138 21.70 0.72 -1.47
CA LYS A 138 22.98 0.99 -2.11
C LYS A 138 22.79 1.32 -3.59
N ASN A 139 21.86 0.65 -4.26
CA ASN A 139 21.58 0.97 -5.65
C ASN A 139 21.03 2.38 -5.80
N LEU A 140 20.15 2.79 -4.89
CA LEU A 140 19.63 4.16 -4.93
C LEU A 140 20.73 5.17 -4.68
N LEU A 141 21.63 4.88 -3.73
CA LEU A 141 22.76 5.77 -3.48
C LEU A 141 23.66 5.87 -4.70
N GLY A 142 23.92 4.75 -5.36
CA GLY A 142 24.72 4.77 -6.57
C GLY A 142 24.07 5.55 -7.69
N ALA A 143 22.75 5.43 -7.84
CA ALA A 143 22.03 6.20 -8.85
C ALA A 143 22.10 7.70 -8.55
N LYS A 144 21.96 8.08 -7.28
CA LYS A 144 22.10 9.49 -6.91
C LYS A 144 23.51 9.99 -7.18
N ILE A 145 24.52 9.16 -6.88
CA ILE A 145 25.90 9.55 -7.15
C ILE A 145 26.11 9.73 -8.65
N LEU A 146 25.56 8.84 -9.47
CA LEU A 146 25.69 8.97 -10.92
C LEU A 146 24.99 10.23 -11.42
N SER A 147 23.82 10.55 -10.85
CA SER A 147 23.12 11.78 -11.21
C SER A 147 23.97 13.00 -10.90
N VAL A 148 24.56 13.03 -9.70
CA VAL A 148 25.42 14.15 -9.31
C VAL A 148 26.62 14.23 -10.23
N VAL A 149 27.20 13.08 -10.57
CA VAL A 149 28.40 13.06 -11.43
C VAL A 149 28.07 13.61 -12.82
N ILE A 150 26.97 13.18 -13.41
CA ILE A 150 26.64 13.68 -14.74
C ILE A 150 26.25 15.16 -14.70
N TRP A 151 25.56 15.59 -13.64
CA TRP A 151 25.27 17.01 -13.47
C TRP A 151 26.55 17.83 -13.42
N ALA A 152 27.52 17.38 -12.60
CA ALA A 152 28.78 18.10 -12.48
C ALA A 152 29.57 18.06 -13.78
N PHE A 153 29.51 16.94 -14.51
CA PHE A 153 30.21 16.83 -15.78
C PHE A 153 29.67 17.81 -16.80
N MET A 154 28.34 17.86 -16.93
CA MET A 154 27.73 18.80 -17.86
C MET A 154 28.02 20.24 -17.46
N PHE A 155 27.98 20.55 -16.16
CA PHE A 155 28.33 21.89 -15.71
C PHE A 155 29.77 22.23 -16.01
N LEU A 156 30.68 21.26 -15.83
CA LEU A 156 32.09 21.50 -16.09
C LEU A 156 32.36 21.76 -17.57
N LEU A 157 31.72 21.00 -18.46
CA LEU A 157 31.88 21.29 -19.88
C LEU A 157 31.17 22.57 -20.32
N SER A 158 30.09 22.96 -19.64
CA SER A 158 29.41 24.21 -19.99
C SER A 158 30.10 25.44 -19.41
N LEU A 159 30.95 25.27 -18.40
CA LEU A 159 31.63 26.42 -17.80
C LEU A 159 32.50 27.19 -18.78
N PRO A 160 33.39 26.56 -19.56
CA PRO A 160 34.16 27.35 -20.53
C PRO A 160 33.30 28.05 -21.57
N ASN A 161 32.17 27.44 -21.94
CA ASN A 161 31.26 28.08 -22.88
C ASN A 161 30.59 29.32 -22.28
N MET A 162 30.67 29.50 -20.96
CA MET A 162 30.13 30.67 -20.29
C MET A 162 31.20 31.67 -19.89
N ILE A 163 32.43 31.22 -19.66
CA ILE A 163 33.49 32.11 -19.19
C ILE A 163 34.42 32.58 -20.31
N LEU A 164 34.44 31.89 -21.46
CA LEU A 164 35.31 32.28 -22.55
C LEU A 164 34.69 33.29 -23.50
N THR A 165 33.44 33.66 -23.29
CA THR A 165 32.77 34.67 -24.12
C THR A 165 32.99 36.07 -23.56
N ASN A 166 34.26 36.43 -23.35
CA ASN A 166 34.60 37.72 -22.77
C ASN A 166 34.69 38.84 -23.80
N ARG A 167 34.67 38.51 -25.10
CA ARG A 167 34.80 39.53 -26.13
C ARG A 167 33.54 40.38 -26.19
N GLN A 168 33.71 41.69 -26.27
CA GLN A 168 32.59 42.61 -26.37
C GLN A 168 31.97 42.52 -27.77
N PRO A 169 30.68 42.80 -27.89
CA PRO A 169 30.04 42.77 -29.21
C PRO A 169 30.62 43.83 -30.14
N ARG A 170 31.26 43.37 -31.21
CA ARG A 170 31.87 44.30 -32.16
C ARG A 170 30.82 45.02 -32.99
N ASP A 171 29.73 44.34 -33.33
CA ASP A 171 28.66 44.92 -34.15
C ASP A 171 27.36 44.90 -33.37
N LYS A 172 26.64 46.02 -33.41
CA LYS A 172 25.37 46.14 -32.70
C LYS A 172 24.16 45.77 -33.57
N ASN A 173 24.26 45.92 -34.89
CA ASN A 173 23.14 45.62 -35.77
C ASN A 173 22.86 44.12 -35.82
N VAL A 174 23.91 43.30 -35.94
CA VAL A 174 23.72 41.86 -36.03
C VAL A 174 23.42 41.29 -34.65
N LYS A 175 22.63 40.22 -34.62
CA LYS A 175 22.28 39.54 -33.39
C LYS A 175 22.99 38.20 -33.21
N LYS A 176 23.68 37.71 -34.24
CA LYS A 176 24.41 36.46 -34.12
C LYS A 176 25.63 36.65 -33.22
N CYS A 177 25.71 35.86 -32.15
CA CYS A 177 26.76 35.99 -31.15
C CYS A 177 27.89 34.98 -31.36
N SER A 178 28.15 34.59 -32.60
CA SER A 178 29.27 33.71 -32.90
C SER A 178 30.61 34.43 -32.82
N PHE A 179 30.64 35.74 -33.01
CA PHE A 179 31.87 36.51 -32.93
C PHE A 179 32.26 36.87 -31.51
N LEU A 180 31.36 36.69 -30.54
CA LEU A 180 31.65 37.03 -29.15
C LEU A 180 32.37 35.89 -28.45
N LYS A 181 33.47 35.41 -29.04
CA LYS A 181 34.20 34.27 -28.49
C LYS A 181 35.59 34.24 -29.09
N SER A 182 36.57 33.84 -28.28
CA SER A 182 37.96 33.86 -28.70
C SER A 182 38.30 32.61 -29.52
N GLU A 183 39.50 32.59 -30.07
CA GLU A 183 39.93 31.47 -30.90
C GLU A 183 39.99 30.18 -30.09
N PHE A 184 40.60 30.24 -28.91
CA PHE A 184 40.55 29.09 -28.00
C PHE A 184 39.11 28.81 -27.59
N GLY A 185 38.31 29.85 -27.38
CA GLY A 185 36.90 29.65 -27.13
C GLY A 185 36.21 28.92 -28.27
N LEU A 186 36.53 29.30 -29.50
CA LEU A 186 35.91 28.64 -30.65
C LEU A 186 36.33 27.18 -30.77
N VAL A 187 37.62 26.88 -30.57
CA VAL A 187 38.06 25.49 -30.70
C VAL A 187 37.48 24.63 -29.58
N TRP A 188 37.40 25.19 -28.37
CA TRP A 188 36.74 24.45 -27.29
C TRP A 188 35.26 24.28 -27.55
N HIS A 189 34.62 25.27 -28.17
CA HIS A 189 33.21 25.14 -28.54
C HIS A 189 33.02 24.01 -29.54
N GLU A 190 33.90 23.93 -30.55
CA GLU A 190 33.83 22.84 -31.51
C GLU A 190 34.05 21.49 -30.84
N ILE A 191 35.01 21.41 -29.91
CA ILE A 191 35.24 20.17 -29.18
C ILE A 191 34.01 19.78 -28.37
N VAL A 192 33.37 20.76 -27.73
CA VAL A 192 32.17 20.49 -26.96
C VAL A 192 31.05 19.98 -27.86
N ASN A 193 30.89 20.60 -29.03
CA ASN A 193 29.86 20.12 -29.97
C ASN A 193 30.13 18.70 -30.40
N TYR A 194 31.38 18.38 -30.72
CA TYR A 194 31.70 17.01 -31.14
C TYR A 194 31.45 16.01 -30.02
N ILE A 195 31.90 16.33 -28.81
CA ILE A 195 31.71 15.42 -27.68
C ILE A 195 30.23 15.21 -27.39
N CYS A 196 29.46 16.30 -27.42
CA CYS A 196 28.04 16.19 -27.12
C CYS A 196 27.28 15.48 -28.23
N GLN A 197 27.70 15.64 -29.49
CA GLN A 197 27.11 14.86 -30.58
C GLN A 197 27.37 13.38 -30.38
N VAL A 198 28.61 13.02 -30.00
CA VAL A 198 28.93 11.62 -29.76
C VAL A 198 28.09 11.08 -28.61
N ILE A 199 27.95 11.87 -27.53
CA ILE A 199 27.16 11.45 -26.38
C ILE A 199 25.70 11.25 -26.78
N PHE A 200 25.15 12.17 -27.55
CA PHE A 200 23.76 12.04 -27.97
C PHE A 200 23.56 10.83 -28.87
N TRP A 201 24.49 10.58 -29.79
CA TRP A 201 24.35 9.41 -30.66
C TRP A 201 24.42 8.12 -29.87
N ILE A 202 25.35 8.04 -28.90
CA ILE A 202 25.45 6.86 -28.06
C ILE A 202 24.16 6.66 -27.27
N ASN A 203 23.64 7.74 -26.69
CA ASN A 203 22.41 7.64 -25.90
C ASN A 203 21.23 7.23 -26.79
N PHE A 204 21.14 7.80 -27.99
CA PHE A 204 20.04 7.46 -28.89
C PHE A 204 20.08 6.00 -29.31
N LEU A 205 21.27 5.50 -29.68
CA LEU A 205 21.36 4.09 -30.06
C LEU A 205 21.07 3.19 -28.87
N ILE A 206 21.53 3.57 -27.67
CA ILE A 206 21.23 2.78 -26.47
C ILE A 206 19.72 2.75 -26.23
N VAL A 207 19.06 3.89 -26.35
CA VAL A 207 17.62 3.96 -26.11
C VAL A 207 16.87 3.09 -27.11
N ILE A 208 17.24 3.19 -28.39
CA ILE A 208 16.57 2.41 -29.42
C ILE A 208 16.76 0.91 -29.18
N VAL A 209 18.00 0.51 -28.90
CA VAL A 209 18.30 -0.91 -28.69
C VAL A 209 17.55 -1.44 -27.47
N CYS A 210 17.57 -0.67 -26.38
CA CYS A 210 16.89 -1.11 -25.16
C CYS A 210 15.38 -1.19 -25.34
N TYR A 211 14.78 -0.24 -26.05
CA TYR A 211 13.34 -0.32 -26.27
C TYR A 211 12.97 -1.49 -27.18
N THR A 212 13.77 -1.75 -28.21
CA THR A 212 13.50 -2.92 -29.05
C THR A 212 13.63 -4.21 -28.24
N LEU A 213 14.66 -4.29 -27.39
CA LEU A 213 14.83 -5.48 -26.55
C LEU A 213 13.69 -5.62 -25.55
N ILE A 214 13.19 -4.50 -25.02
CA ILE A 214 12.07 -4.54 -24.09
C ILE A 214 10.82 -5.08 -24.78
N THR A 215 10.53 -4.57 -25.99
CA THR A 215 9.38 -5.06 -26.73
C THR A 215 9.52 -6.55 -27.06
N LYS A 216 10.73 -6.97 -27.44
CA LYS A 216 10.96 -8.38 -27.72
C LYS A 216 10.76 -9.23 -26.46
N GLU A 217 11.24 -8.75 -25.31
CA GLU A 217 11.10 -9.50 -24.07
C GLU A 217 9.63 -9.61 -23.65
N LEU A 218 8.86 -8.53 -23.78
CA LEU A 218 7.44 -8.61 -23.48
C LEU A 218 6.73 -9.57 -24.43
N TYR A 219 7.06 -9.53 -25.72
CA TYR A 219 6.43 -10.46 -26.66
C TYR A 219 6.77 -11.90 -26.31
N ARG A 220 8.04 -12.17 -25.98
CA ARG A 220 8.45 -13.52 -25.61
C ARG A 220 7.74 -13.98 -24.34
N SER A 221 7.65 -13.12 -23.34
CA SER A 221 6.96 -13.48 -22.10
C SER A 221 5.49 -13.77 -22.37
N TYR A 222 4.84 -12.95 -23.20
CA TYR A 222 3.43 -13.18 -23.51
C TYR A 222 3.23 -14.50 -24.25
N VAL A 223 4.09 -14.80 -25.22
CA VAL A 223 3.92 -16.06 -25.95
C VAL A 223 4.28 -17.27 -25.08
N ARG A 224 5.12 -17.08 -24.05
CA ARG A 224 5.38 -18.18 -23.12
C ARG A 224 4.20 -18.40 -22.18
N THR A 225 3.57 -17.32 -21.70
CA THR A 225 2.49 -17.44 -20.71
C THR A 225 1.12 -17.60 -21.37
N ARG A 226 0.70 -16.62 -22.18
CA ARG A 226 -0.63 -16.64 -22.77
C ARG A 226 -0.68 -17.41 -24.08
N GLY A 227 0.41 -17.47 -24.84
CA GLY A 227 0.43 -18.21 -26.09
C GLY A 227 0.23 -17.36 -27.32
N VAL A 228 -0.92 -17.50 -27.98
CA VAL A 228 -1.16 -16.89 -29.28
C VAL A 228 -2.03 -15.64 -29.15
N GLY A 229 -2.17 -15.10 -27.94
CA GLY A 229 -2.92 -13.87 -27.77
C GLY A 229 -2.23 -12.68 -28.43
N LYS A 230 -3.03 -11.73 -28.90
CA LYS A 230 -2.52 -10.57 -29.61
C LYS A 230 -3.08 -9.24 -29.14
N VAL A 231 -4.29 -9.21 -28.57
CA VAL A 231 -4.97 -7.95 -28.26
C VAL A 231 -4.18 -7.13 -27.24
N PRO A 232 -3.74 -7.68 -26.10
CA PRO A 232 -2.94 -6.85 -25.18
C PRO A 232 -1.48 -6.72 -25.60
N ARG A 233 -1.01 -7.55 -26.53
CA ARG A 233 0.39 -7.46 -26.95
C ARG A 233 0.69 -6.15 -27.66
N LYS A 234 -0.29 -5.60 -28.39
CA LYS A 234 -0.11 -4.33 -29.07
C LYS A 234 -0.25 -3.13 -28.15
N LYS A 235 -0.75 -3.33 -26.93
CA LYS A 235 -0.89 -2.21 -25.99
C LYS A 235 0.47 -1.64 -25.60
N VAL A 236 1.46 -2.51 -25.36
CA VAL A 236 2.79 -2.04 -25.03
C VAL A 236 3.54 -1.52 -26.25
N ASN A 237 3.22 -2.02 -27.45
CA ASN A 237 3.88 -1.55 -28.66
C ASN A 237 3.49 -0.13 -29.01
N VAL A 238 2.21 0.22 -28.80
CA VAL A 238 1.74 1.56 -29.14
C VAL A 238 2.25 2.61 -28.15
N LYS A 239 2.54 2.22 -26.91
CA LYS A 239 3.06 3.15 -25.92
C LYS A 239 4.57 3.32 -26.00
N VAL A 240 5.30 2.26 -26.35
CA VAL A 240 6.74 2.38 -26.52
C VAL A 240 7.05 3.26 -27.73
N PHE A 241 6.28 3.14 -28.80
CA PHE A 241 6.51 3.95 -30.00
C PHE A 241 6.33 5.42 -29.73
N ILE A 242 5.46 5.79 -28.78
CA ILE A 242 5.26 7.20 -28.43
C ILE A 242 6.55 7.79 -27.89
N ILE A 243 7.21 7.06 -26.98
CA ILE A 243 8.50 7.51 -26.45
C ILE A 243 9.53 7.60 -27.57
N ILE A 244 9.58 6.57 -28.43
CA ILE A 244 10.53 6.57 -29.52
C ILE A 244 10.25 7.70 -30.49
N ALA A 245 8.97 7.93 -30.82
CA ALA A 245 8.62 9.02 -31.72
C ALA A 245 8.99 10.37 -31.14
N VAL A 246 8.73 10.56 -29.84
CA VAL A 246 9.07 11.83 -29.20
C VAL A 246 10.57 12.05 -29.20
N PHE A 247 11.35 11.01 -28.86
CA PHE A 247 12.79 11.15 -28.83
C PHE A 247 13.40 11.27 -30.22
N PHE A 248 12.68 10.82 -31.27
CA PHE A 248 13.21 10.88 -32.62
C PHE A 248 12.87 12.19 -33.32
N ILE A 249 11.58 12.54 -33.40
CA ILE A 249 11.16 13.72 -34.16
C ILE A 249 11.45 15.03 -33.45
N CYS A 250 12.00 14.98 -32.24
CA CYS A 250 12.29 16.20 -31.49
C CYS A 250 13.73 16.32 -31.00
N PHE A 251 14.58 15.31 -31.23
CA PHE A 251 15.96 15.41 -30.80
C PHE A 251 16.92 15.18 -31.96
N VAL A 252 16.55 14.29 -32.87
CA VAL A 252 17.44 13.80 -33.93
C VAL A 252 17.61 14.83 -35.05
N PRO A 253 16.55 15.46 -35.55
CA PRO A 253 16.77 16.50 -36.58
C PRO A 253 17.62 17.65 -36.10
N PHE A 254 17.60 17.94 -34.79
CA PHE A 254 18.47 18.98 -34.25
C PHE A 254 19.94 18.61 -34.43
N HIS A 255 20.28 17.35 -34.18
CA HIS A 255 21.66 16.92 -34.32
C HIS A 255 22.06 16.64 -35.76
N PHE A 256 21.10 16.37 -36.65
CA PHE A 256 21.41 16.42 -38.07
C PHE A 256 21.82 17.80 -38.53
N ALA A 257 21.12 18.84 -38.08
CA ALA A 257 21.42 20.20 -38.48
C ALA A 257 22.44 20.89 -37.60
N ARG A 258 22.89 20.22 -36.54
CA ARG A 258 23.83 20.87 -35.59
C ARG A 258 25.24 20.93 -36.19
N ILE A 259 25.67 19.87 -36.89
CA ILE A 259 27.03 19.84 -37.42
C ILE A 259 27.26 20.92 -38.47
N PRO A 260 26.40 21.11 -39.48
CA PRO A 260 26.62 22.22 -40.41
C PRO A 260 26.61 23.59 -39.73
N TYR A 261 25.74 23.78 -38.73
CA TYR A 261 25.71 25.06 -38.02
C TYR A 261 27.01 25.29 -37.26
N THR A 262 27.54 24.25 -36.62
CA THR A 262 28.81 24.36 -35.91
C THR A 262 29.94 24.68 -36.88
N LEU A 263 29.95 24.02 -38.04
CA LEU A 263 30.98 24.30 -39.04
C LEU A 263 30.87 25.73 -39.57
N SER A 264 29.64 26.23 -39.75
CA SER A 264 29.47 27.60 -40.23
C SER A 264 29.87 28.61 -39.17
N GLN A 265 29.58 28.33 -37.91
CA GLN A 265 29.92 29.25 -36.83
C GLN A 265 31.43 29.29 -36.57
N THR A 266 32.09 28.14 -36.62
CA THR A 266 33.52 28.06 -36.33
C THR A 266 34.36 28.40 -37.56
N ARG A 267 34.12 27.69 -38.66
CA ARG A 267 34.88 27.88 -39.89
C ARG A 267 34.07 28.74 -40.87
N ASP A 268 34.63 28.97 -42.05
CA ASP A 268 34.00 29.76 -43.10
C ASP A 268 33.87 28.95 -44.38
N VAL A 269 33.64 27.64 -44.23
CA VAL A 269 33.54 26.76 -45.39
C VAL A 269 32.20 26.93 -46.12
N PHE A 270 31.16 27.39 -45.43
CA PHE A 270 29.86 27.65 -46.05
C PHE A 270 29.73 29.13 -46.40
N ASP A 271 29.09 29.41 -47.52
CA ASP A 271 29.01 30.76 -48.06
C ASP A 271 27.91 31.55 -47.36
N CYS A 272 27.70 32.79 -47.80
CA CYS A 272 26.80 33.70 -47.10
C CYS A 272 25.34 33.30 -47.26
N THR A 273 24.92 33.00 -48.49
CA THR A 273 23.51 32.70 -48.73
C THR A 273 23.07 31.40 -48.09
N ALA A 274 24.00 30.50 -47.78
CA ALA A 274 23.66 29.27 -47.07
C ALA A 274 23.34 29.52 -45.60
N GLU A 275 23.78 30.65 -45.05
CA GLU A 275 23.55 30.94 -43.64
C GLU A 275 22.07 31.15 -43.33
N ASN A 276 21.30 31.63 -44.31
CA ASN A 276 19.88 31.89 -44.07
C ASN A 276 19.13 30.60 -43.78
N THR A 277 19.18 29.64 -44.71
CA THR A 277 18.50 28.37 -44.50
C THR A 277 19.13 27.59 -43.35
N LEU A 278 20.44 27.74 -43.13
CA LEU A 278 21.09 27.10 -42.00
C LEU A 278 20.50 27.58 -40.68
N PHE A 279 20.41 28.90 -40.51
CA PHE A 279 19.81 29.46 -39.30
C PHE A 279 18.35 29.05 -39.17
N TYR A 280 17.62 29.07 -40.28
CA TYR A 280 16.21 28.69 -40.24
C TYR A 280 16.03 27.27 -39.74
N VAL A 281 16.73 26.31 -40.34
CA VAL A 281 16.56 24.92 -39.94
C VAL A 281 17.10 24.68 -38.54
N LYS A 282 18.23 25.30 -38.18
CA LYS A 282 18.78 25.12 -36.84
C LYS A 282 17.83 25.65 -35.77
N GLU A 283 17.22 26.82 -36.01
CA GLU A 283 16.34 27.40 -35.00
C GLU A 283 15.02 26.65 -34.95
N SER A 284 14.53 26.15 -36.09
CA SER A 284 13.32 25.32 -36.07
C SER A 284 13.56 24.03 -35.31
N THR A 285 14.72 23.40 -35.52
CA THR A 285 15.04 22.19 -34.77
C THR A 285 15.24 22.49 -33.29
N LEU A 286 15.77 23.68 -32.98
CA LEU A 286 15.89 24.08 -31.58
C LEU A 286 14.53 24.25 -30.93
N TRP A 287 13.56 24.81 -31.66
CA TRP A 287 12.20 24.90 -31.15
C TRP A 287 11.60 23.51 -30.96
N LEU A 288 11.84 22.61 -31.91
CA LEU A 288 11.35 21.23 -31.76
C LEU A 288 11.93 20.58 -30.52
N THR A 289 13.23 20.80 -30.26
CA THR A 289 13.86 20.28 -29.06
C THR A 289 13.27 20.90 -27.80
N SER A 290 13.03 22.21 -27.81
CA SER A 290 12.45 22.89 -26.66
C SER A 290 11.02 22.45 -26.39
N LEU A 291 10.31 21.97 -27.42
CA LEU A 291 8.97 21.42 -27.21
C LEU A 291 8.99 20.23 -26.26
N ASN A 292 10.13 19.55 -26.15
CA ASN A 292 10.21 18.39 -25.26
C ASN A 292 10.02 18.77 -23.81
N ALA A 293 10.29 20.03 -23.45
CA ALA A 293 10.11 20.48 -22.07
C ALA A 293 8.66 20.31 -21.62
N CYS A 294 7.71 20.68 -22.47
CA CYS A 294 6.29 20.46 -22.17
C CYS A 294 5.78 19.12 -22.66
N LEU A 295 6.50 18.46 -23.57
CA LEU A 295 6.06 17.15 -24.04
C LEU A 295 6.34 16.04 -23.03
N ASP A 296 7.46 16.11 -22.30
CA ASP A 296 7.82 15.04 -21.38
C ASP A 296 6.79 14.87 -20.26
N PRO A 297 6.32 15.92 -19.59
CA PRO A 297 5.19 15.72 -18.66
C PRO A 297 4.00 15.04 -19.31
N PHE A 298 3.66 15.43 -20.54
CA PHE A 298 2.49 14.85 -21.19
C PHE A 298 2.67 13.36 -21.46
N ILE A 299 3.82 12.99 -22.03
CA ILE A 299 4.04 11.58 -22.34
C ILE A 299 4.18 10.75 -21.07
N TYR A 300 4.82 11.30 -20.03
CA TYR A 300 4.99 10.55 -18.79
C TYR A 300 3.67 10.40 -18.03
N PHE A 301 2.75 11.35 -18.17
CA PHE A 301 1.44 11.18 -17.58
C PHE A 301 0.57 10.23 -18.42
N PHE A 302 0.75 10.24 -19.74
CA PHE A 302 -0.01 9.34 -20.60
C PHE A 302 0.45 7.89 -20.44
N LEU A 303 1.73 7.68 -20.12
CA LEU A 303 2.23 6.31 -19.97
C LEU A 303 1.76 5.69 -18.65
N CYS A 304 2.12 6.32 -17.53
CA CYS A 304 1.81 5.76 -16.22
C CYS A 304 0.38 6.10 -15.82
N LYS A 305 -0.36 5.09 -15.37
CA LYS A 305 -1.74 5.30 -14.93
C LYS A 305 -1.80 5.96 -13.57
N SER A 306 -0.81 5.70 -12.70
CA SER A 306 -0.80 6.30 -11.37
C SER A 306 -0.68 7.82 -11.45
N PHE A 307 0.09 8.33 -12.41
CA PHE A 307 0.19 9.77 -12.58
C PHE A 307 -1.14 10.36 -13.02
N ARG A 308 -1.87 9.66 -13.90
CA ARG A 308 -3.21 10.12 -14.25
C ARG A 308 -4.13 10.14 -13.05
N ASN A 309 -4.07 9.10 -12.22
CA ASN A 309 -4.91 9.07 -11.01
C ASN A 309 -4.57 10.22 -10.08
N SER A 310 -3.28 10.51 -9.91
CA SER A 310 -2.87 11.63 -9.07
C SER A 310 -3.36 12.96 -9.63
N LEU A 311 -3.24 13.14 -10.96
CA LEU A 311 -3.69 14.38 -11.58
C LEU A 311 -5.20 14.56 -11.44
N ILE A 312 -5.95 13.47 -11.62
CA ILE A 312 -7.41 13.56 -11.46
C ILE A 312 -7.77 13.87 -10.01
N SER A 313 -7.10 13.23 -9.05
CA SER A 313 -7.36 13.49 -7.64
C SER A 313 -7.00 14.92 -7.27
N MET A 314 -6.00 15.50 -7.94
CA MET A 314 -5.65 16.90 -7.68
C MET A 314 -6.79 17.83 -8.06
N LEU A 315 -7.46 17.57 -9.18
CA LEU A 315 -8.58 18.39 -9.63
C LEU A 315 -9.84 18.10 -8.81
N SER B 6 26.54 9.12 28.88
CA SER B 6 25.67 8.76 27.78
C SER B 6 26.06 7.42 27.17
N ALA B 7 26.73 6.59 27.98
CA ALA B 7 27.14 5.27 27.50
C ALA B 7 25.92 4.39 27.20
N GLU B 8 24.90 4.45 28.04
CA GLU B 8 23.68 3.67 27.80
C GLU B 8 22.99 4.11 26.51
N ASP B 9 22.93 5.42 26.28
CA ASP B 9 22.33 5.93 25.05
C ASP B 9 23.11 5.48 23.82
N LYS B 10 24.44 5.51 23.90
CA LYS B 10 25.27 5.07 22.77
C LYS B 10 25.08 3.58 22.52
N ALA B 11 25.02 2.77 23.58
CA ALA B 11 24.79 1.34 23.41
C ALA B 11 23.42 1.07 22.80
N ALA B 12 22.40 1.80 23.24
CA ALA B 12 21.07 1.64 22.66
C ALA B 12 21.05 2.03 21.19
N ALA B 13 21.75 3.11 20.84
CA ALA B 13 21.81 3.54 19.44
C ALA B 13 22.54 2.50 18.59
N GLU B 14 23.62 1.93 19.10
CA GLU B 14 24.34 0.90 18.35
C GLU B 14 23.47 -0.35 18.16
N ARG B 15 22.76 -0.75 19.21
CA ARG B 15 21.86 -1.90 19.10
C ARG B 15 20.76 -1.62 18.09
N SER B 16 20.20 -0.41 18.11
CA SER B 16 19.16 -0.05 17.15
C SER B 16 19.70 -0.06 15.73
N LYS B 17 20.92 0.43 15.52
CA LYS B 17 21.50 0.41 14.18
C LYS B 17 21.73 -1.01 13.69
N MET B 18 22.25 -1.88 14.56
CA MET B 18 22.44 -3.27 14.17
C MET B 18 21.11 -3.95 13.85
N ILE B 19 20.08 -3.68 14.65
CA ILE B 19 18.76 -4.23 14.40
C ILE B 19 18.21 -3.72 13.08
N ASP B 20 18.41 -2.43 12.79
CA ASP B 20 17.95 -1.88 11.52
C ASP B 20 18.65 -2.53 10.34
N LYS B 21 19.97 -2.77 10.46
CA LYS B 21 20.70 -3.44 9.39
C LYS B 21 20.17 -4.86 9.17
N ASN B 22 19.94 -5.59 10.26
CA ASN B 22 19.40 -6.95 10.14
C ASN B 22 18.01 -6.94 9.52
N LEU B 23 17.17 -5.98 9.92
CA LEU B 23 15.82 -5.89 9.37
C LEU B 23 15.86 -5.52 7.90
N ARG B 24 16.77 -4.64 7.50
CA ARG B 24 16.92 -4.31 6.08
C ARG B 24 17.34 -5.52 5.28
N GLU B 25 18.28 -6.32 5.82
CA GLU B 25 18.69 -7.54 5.12
C GLU B 25 17.52 -8.52 4.99
N ASP B 26 16.75 -8.69 6.06
CA ASP B 26 15.60 -9.58 6.01
C ASP B 26 14.55 -9.08 5.03
N GLY B 27 14.31 -7.77 4.99
CA GLY B 27 13.36 -7.23 4.03
C GLY B 27 13.82 -7.40 2.60
N GLU B 28 15.12 -7.23 2.34
CA GLU B 28 15.64 -7.50 1.01
C GLU B 28 15.46 -8.97 0.64
N LYS B 29 15.72 -9.88 1.57
CA LYS B 29 15.53 -11.29 1.30
C LYS B 29 14.06 -11.60 1.01
N ALA B 30 13.15 -11.02 1.77
CA ALA B 30 11.72 -11.23 1.54
C ALA B 30 11.25 -10.64 0.21
N ALA B 31 11.76 -9.48 -0.17
CA ALA B 31 11.38 -8.87 -1.43
C ALA B 31 11.95 -9.65 -2.62
N ARG B 32 13.12 -10.28 -2.44
CA ARG B 32 13.67 -11.09 -3.51
C ARG B 32 12.82 -12.33 -3.79
N GLU B 33 12.11 -12.82 -2.78
CA GLU B 33 11.31 -14.02 -2.93
C GLU B 33 9.93 -13.68 -3.48
N VAL B 34 9.28 -14.68 -4.08
CA VAL B 34 8.00 -14.52 -4.75
C VAL B 34 6.92 -15.15 -3.88
N LYS B 35 5.84 -14.42 -3.63
CA LYS B 35 4.72 -14.87 -2.82
C LYS B 35 3.53 -15.16 -3.73
N LEU B 36 2.96 -16.36 -3.59
CA LEU B 36 1.83 -16.79 -4.40
C LEU B 36 0.74 -17.33 -3.49
N LEU B 37 -0.51 -16.89 -3.72
CA LEU B 37 -1.64 -17.28 -2.89
C LEU B 37 -2.49 -18.29 -3.66
N LEU B 38 -2.74 -19.44 -3.06
CA LEU B 38 -3.58 -20.45 -3.69
C LEU B 38 -5.03 -20.30 -3.24
N LEU B 39 -5.95 -20.40 -4.20
CA LEU B 39 -7.37 -20.28 -3.92
C LEU B 39 -8.13 -21.32 -4.75
N GLY B 40 -9.37 -21.56 -4.35
CA GLY B 40 -10.21 -22.53 -5.03
C GLY B 40 -11.03 -23.38 -4.09
N ALA B 41 -11.35 -24.59 -4.50
CA ALA B 41 -12.13 -25.52 -3.70
C ALA B 41 -11.23 -26.64 -3.17
N GLY B 42 -11.72 -27.30 -2.11
CA GLY B 42 -10.94 -28.38 -1.52
C GLY B 42 -10.79 -29.57 -2.45
N GLU B 43 -11.84 -29.89 -3.20
CA GLU B 43 -11.83 -31.01 -4.13
C GLU B 43 -11.56 -30.58 -5.57
N SER B 44 -10.98 -29.39 -5.77
CA SER B 44 -10.68 -28.88 -7.10
C SER B 44 -9.28 -29.24 -7.56
N GLY B 45 -8.56 -30.06 -6.80
CA GLY B 45 -7.20 -30.42 -7.16
C GLY B 45 -6.13 -29.46 -6.68
N LYS B 46 -6.43 -28.64 -5.66
CA LYS B 46 -5.43 -27.71 -5.15
C LYS B 46 -4.23 -28.44 -4.56
N ASN B 47 -4.48 -29.54 -3.83
CA ASN B 47 -3.40 -30.32 -3.24
C ASN B 47 -2.60 -31.09 -4.28
N THR B 48 -3.17 -31.31 -5.47
CA THR B 48 -2.44 -32.02 -6.52
C THR B 48 -1.21 -31.23 -6.97
N ILE B 49 -1.35 -29.91 -7.11
CA ILE B 49 -0.23 -29.09 -7.55
C ILE B 49 0.90 -29.10 -6.52
N VAL B 50 0.56 -29.14 -5.23
CA VAL B 50 1.58 -29.12 -4.19
C VAL B 50 2.46 -30.38 -4.25
N LYS B 51 1.86 -31.55 -4.45
CA LYS B 51 2.62 -32.80 -4.43
C LYS B 51 3.14 -33.18 -5.81
N GLN B 52 3.86 -32.26 -6.46
CA GLN B 52 4.48 -32.54 -7.75
C GLN B 52 6.00 -32.47 -7.68
N MET B 53 6.57 -31.34 -7.26
CA MET B 53 8.02 -31.21 -7.18
C MET B 53 8.49 -30.42 -5.96
N LYS B 54 7.59 -30.01 -5.07
CA LYS B 54 7.96 -29.17 -3.92
C LYS B 54 8.63 -30.05 -2.87
N ILE B 55 9.93 -30.28 -3.05
CA ILE B 55 10.69 -31.08 -2.09
C ILE B 55 10.84 -30.33 -0.78
N ILE B 56 11.17 -29.05 -0.84
CA ILE B 56 11.35 -28.23 0.35
C ILE B 56 10.00 -27.73 0.86
N THR B 183 -2.18 -23.64 11.88
CA THR B 183 -2.38 -24.64 10.82
C THR B 183 -3.32 -24.12 9.74
N GLY B 184 -3.69 -22.85 9.85
CA GLY B 184 -4.58 -22.25 8.87
C GLY B 184 -3.92 -21.94 7.54
N ILE B 185 -2.60 -21.82 7.52
CA ILE B 185 -1.85 -21.54 6.30
C ILE B 185 -0.81 -22.64 6.11
N VAL B 186 -0.82 -23.25 4.94
CA VAL B 186 0.18 -24.24 4.56
C VAL B 186 1.20 -23.54 3.68
N GLU B 187 2.36 -23.25 4.24
CA GLU B 187 3.41 -22.51 3.54
C GLU B 187 4.33 -23.50 2.84
N THR B 188 4.41 -23.39 1.52
CA THR B 188 5.27 -24.25 0.71
C THR B 188 6.32 -23.39 0.04
N HIS B 189 7.59 -23.74 0.24
CA HIS B 189 8.72 -23.00 -0.33
C HIS B 189 9.52 -23.93 -1.22
N PHE B 190 9.77 -23.49 -2.46
CA PHE B 190 10.59 -24.24 -3.39
C PHE B 190 11.39 -23.26 -4.24
N THR B 191 12.51 -23.75 -4.78
CA THR B 191 13.40 -22.94 -5.60
C THR B 191 13.38 -23.46 -7.04
N PHE B 192 13.16 -22.54 -7.98
CA PHE B 192 13.12 -22.88 -9.40
C PHE B 192 13.91 -21.83 -10.17
N LYS B 193 14.96 -22.26 -10.87
CA LYS B 193 15.81 -21.39 -11.67
C LYS B 193 16.36 -20.24 -10.83
N ASP B 194 16.91 -20.60 -9.66
CA ASP B 194 17.51 -19.64 -8.73
C ASP B 194 16.50 -18.57 -8.28
N LEU B 195 15.23 -18.94 -8.20
CA LEU B 195 14.18 -18.05 -7.72
C LEU B 195 13.41 -18.73 -6.60
N HIS B 196 13.23 -18.01 -5.50
CA HIS B 196 12.55 -18.55 -4.32
C HIS B 196 11.08 -18.22 -4.38
N PHE B 197 10.23 -19.23 -4.15
CA PHE B 197 8.79 -19.07 -4.13
C PHE B 197 8.24 -19.35 -2.73
N LYS B 198 7.01 -18.90 -2.49
CA LYS B 198 6.34 -19.12 -1.22
C LYS B 198 4.85 -19.30 -1.51
N MET B 199 4.38 -20.55 -1.46
CA MET B 199 2.98 -20.86 -1.67
C MET B 199 2.20 -20.68 -0.37
N PHE B 200 0.95 -20.25 -0.49
CA PHE B 200 0.08 -20.05 0.66
C PHE B 200 -1.25 -20.76 0.40
N ASP B 201 -1.68 -21.56 1.36
CA ASP B 201 -2.95 -22.28 1.28
C ASP B 201 -3.89 -21.79 2.38
N VAL B 202 -5.11 -21.44 1.99
CA VAL B 202 -6.10 -20.93 2.92
C VAL B 202 -7.27 -21.91 3.08
N GLY B 203 -7.08 -23.16 2.66
CA GLY B 203 -8.16 -24.13 2.76
C GLY B 203 -8.59 -24.42 4.19
N ALA B 204 -7.64 -24.41 5.12
CA ALA B 204 -7.95 -24.67 6.53
C ALA B 204 -8.69 -23.52 7.20
N GLN B 205 -8.75 -22.35 6.57
CA GLN B 205 -9.42 -21.19 7.15
C GLN B 205 -10.91 -21.28 6.80
N ARG B 206 -11.66 -21.96 7.67
CA ARG B 206 -13.10 -22.12 7.47
C ARG B 206 -13.87 -20.99 8.17
N SER B 207 -13.63 -19.78 7.69
CA SER B 207 -14.27 -18.58 8.23
C SER B 207 -14.56 -17.63 7.06
N GLU B 208 -14.98 -16.41 7.40
CA GLU B 208 -15.27 -15.42 6.38
C GLU B 208 -13.98 -14.94 5.73
N ARG B 209 -13.97 -14.89 4.39
CA ARG B 209 -12.75 -14.57 3.67
C ARG B 209 -12.39 -13.09 3.76
N LYS B 210 -13.39 -12.21 3.69
CA LYS B 210 -13.11 -10.78 3.59
C LYS B 210 -12.47 -10.20 4.85
N LYS B 211 -12.52 -10.91 5.97
CA LYS B 211 -11.90 -10.43 7.20
C LYS B 211 -10.39 -10.66 7.25
N TRP B 212 -9.86 -11.50 6.36
CA TRP B 212 -8.43 -11.75 6.31
C TRP B 212 -7.87 -11.77 4.90
N ILE B 213 -8.69 -11.56 3.87
CA ILE B 213 -8.18 -11.55 2.51
C ILE B 213 -7.37 -10.29 2.22
N HIS B 214 -7.51 -9.25 3.03
CA HIS B 214 -6.73 -8.03 2.85
C HIS B 214 -5.30 -8.17 3.31
N CYS B 215 -4.95 -9.26 4.00
CA CYS B 215 -3.59 -9.47 4.45
C CYS B 215 -2.66 -9.97 3.35
N PHE B 216 -3.21 -10.34 2.20
CA PHE B 216 -2.43 -10.86 1.07
C PHE B 216 -2.11 -9.78 0.05
N GLU B 217 -1.94 -8.54 0.50
CA GLU B 217 -1.55 -7.46 -0.39
C GLU B 217 -0.11 -7.64 -0.85
N GLY B 218 0.17 -7.23 -2.08
CA GLY B 218 1.51 -7.30 -2.62
C GLY B 218 1.95 -8.66 -3.10
N VAL B 219 1.05 -9.64 -3.14
CA VAL B 219 1.41 -10.96 -3.65
C VAL B 219 1.69 -10.86 -5.14
N THR B 220 2.64 -11.69 -5.60
CA THR B 220 3.02 -11.66 -7.01
C THR B 220 1.86 -12.06 -7.92
N ALA B 221 1.16 -13.12 -7.55
CA ALA B 221 0.02 -13.58 -8.33
C ALA B 221 -0.82 -14.51 -7.46
N ILE B 222 -2.03 -14.79 -7.94
CA ILE B 222 -2.97 -15.68 -7.26
C ILE B 222 -3.11 -16.94 -8.11
N ILE B 223 -2.87 -18.10 -7.50
CA ILE B 223 -2.97 -19.38 -8.18
C ILE B 223 -4.35 -19.94 -7.86
N PHE B 224 -5.26 -19.87 -8.82
CA PHE B 224 -6.62 -20.38 -8.66
C PHE B 224 -6.72 -21.73 -9.37
N CYS B 225 -7.12 -22.75 -8.62
CA CYS B 225 -7.25 -24.10 -9.14
C CYS B 225 -8.73 -24.48 -9.17
N VAL B 226 -9.20 -24.87 -10.35
CA VAL B 226 -10.58 -25.32 -10.54
C VAL B 226 -10.55 -26.58 -11.39
N ALA B 227 -11.36 -27.57 -11.02
CA ALA B 227 -11.35 -28.85 -11.70
C ALA B 227 -12.17 -28.80 -12.99
N LEU B 228 -11.60 -29.33 -14.07
CA LEU B 228 -12.33 -29.43 -15.33
C LEU B 228 -13.49 -30.40 -15.23
N SER B 229 -13.28 -31.55 -14.57
CA SER B 229 -14.30 -32.59 -14.50
C SER B 229 -15.44 -32.26 -13.54
N ALA B 230 -15.32 -31.20 -12.76
CA ALA B 230 -16.34 -30.84 -11.76
C ALA B 230 -17.38 -29.88 -12.34
N TYR B 231 -18.04 -30.29 -13.43
CA TYR B 231 -19.10 -29.48 -14.01
C TYR B 231 -20.49 -30.03 -13.74
N ASP B 232 -20.61 -31.29 -13.32
CA ASP B 232 -21.90 -31.90 -13.03
C ASP B 232 -22.05 -32.38 -11.59
N LEU B 233 -21.00 -32.35 -10.79
CA LEU B 233 -21.13 -32.73 -9.38
C LEU B 233 -21.96 -31.70 -8.64
N VAL B 234 -22.83 -32.18 -7.76
CA VAL B 234 -23.69 -31.30 -6.97
C VAL B 234 -23.18 -31.20 -5.53
N MET B 241 -26.55 -25.16 -7.56
CA MET B 241 -25.62 -25.65 -6.56
C MET B 241 -24.53 -26.50 -7.19
N ASN B 242 -24.27 -26.26 -8.47
CA ASN B 242 -23.24 -27.00 -9.18
C ASN B 242 -21.85 -26.61 -8.68
N ARG B 243 -20.91 -27.54 -8.84
CA ARG B 243 -19.53 -27.28 -8.43
C ARG B 243 -18.92 -26.16 -9.27
N MET B 244 -19.19 -26.15 -10.57
CA MET B 244 -18.66 -25.10 -11.42
C MET B 244 -19.24 -23.73 -11.05
N HIS B 245 -20.54 -23.69 -10.75
CA HIS B 245 -21.15 -22.43 -10.33
C HIS B 245 -20.57 -21.94 -9.00
N ALA B 246 -20.30 -22.87 -8.07
CA ALA B 246 -19.68 -22.48 -6.81
C ALA B 246 -18.28 -21.92 -7.03
N SER B 247 -17.51 -22.52 -7.94
CA SER B 247 -16.16 -22.02 -8.22
C SER B 247 -16.21 -20.68 -8.95
N MET B 248 -17.14 -20.52 -9.90
CA MET B 248 -17.29 -19.24 -10.59
C MET B 248 -17.70 -18.13 -9.63
N LYS B 249 -18.62 -18.42 -8.70
CA LYS B 249 -18.99 -17.43 -7.71
C LYS B 249 -17.81 -17.07 -6.82
N LEU B 250 -17.03 -18.08 -6.41
CA LEU B 250 -15.82 -17.79 -5.65
C LEU B 250 -14.80 -17.03 -6.48
N PHE B 251 -14.64 -17.39 -7.76
CA PHE B 251 -13.72 -16.68 -8.63
C PHE B 251 -14.20 -15.25 -8.91
N ASP B 252 -15.52 -15.05 -9.01
CA ASP B 252 -16.04 -13.71 -9.26
C ASP B 252 -15.71 -12.76 -8.12
N SER B 253 -15.86 -13.22 -6.87
CA SER B 253 -15.55 -12.38 -5.72
C SER B 253 -14.06 -12.09 -5.63
N ILE B 254 -13.22 -13.09 -5.88
CA ILE B 254 -11.78 -12.89 -5.80
C ILE B 254 -11.29 -11.96 -6.90
N CYS B 255 -11.76 -12.19 -8.14
CA CYS B 255 -11.26 -11.42 -9.27
C CYS B 255 -11.79 -9.98 -9.27
N ASN B 256 -12.92 -9.73 -8.61
CA ASN B 256 -13.57 -8.42 -8.64
C ASN B 256 -13.64 -7.79 -7.24
N ASN B 257 -12.62 -7.99 -6.43
CA ASN B 257 -12.54 -7.37 -5.11
C ASN B 257 -11.57 -6.19 -5.13
N LYS B 258 -11.73 -5.31 -4.15
CA LYS B 258 -10.89 -4.12 -4.08
C LYS B 258 -9.46 -4.41 -3.64
N TRP B 259 -9.18 -5.62 -3.17
CA TRP B 259 -7.85 -5.95 -2.68
C TRP B 259 -6.94 -6.53 -3.75
N PHE B 260 -7.49 -7.16 -4.78
CA PHE B 260 -6.72 -7.77 -5.85
C PHE B 260 -7.05 -7.14 -7.21
N THR B 261 -7.22 -5.82 -7.24
CA THR B 261 -7.49 -5.14 -8.49
C THR B 261 -6.32 -5.24 -9.46
N ASP B 262 -5.09 -5.08 -8.96
CA ASP B 262 -3.90 -5.13 -9.80
C ASP B 262 -3.11 -6.43 -9.65
N THR B 263 -3.67 -7.43 -8.96
CA THR B 263 -2.98 -8.70 -8.75
C THR B 263 -3.43 -9.69 -9.81
N SER B 264 -2.47 -10.22 -10.58
CA SER B 264 -2.79 -11.18 -11.62
C SER B 264 -3.19 -12.51 -11.01
N ILE B 265 -3.91 -13.31 -11.80
CA ILE B 265 -4.40 -14.61 -11.38
C ILE B 265 -3.83 -15.67 -12.30
N ILE B 266 -3.21 -16.70 -11.72
CA ILE B 266 -2.67 -17.82 -12.48
C ILE B 266 -3.74 -18.91 -12.43
N LEU B 267 -4.64 -18.88 -13.42
CA LEU B 267 -5.72 -19.85 -13.48
C LEU B 267 -5.19 -21.22 -13.88
N PHE B 268 -5.66 -22.25 -13.20
CA PHE B 268 -5.27 -23.63 -13.48
C PHE B 268 -6.52 -24.47 -13.69
N LEU B 269 -6.66 -25.01 -14.90
CA LEU B 269 -7.73 -25.96 -15.22
C LEU B 269 -7.14 -27.36 -15.15
N ASN B 270 -6.98 -27.85 -13.93
CA ASN B 270 -6.29 -29.11 -13.68
C ASN B 270 -7.20 -30.30 -13.99
N LYS B 271 -6.62 -31.50 -13.84
CA LYS B 271 -7.32 -32.76 -14.10
C LYS B 271 -7.87 -32.80 -15.53
N LYS B 272 -7.03 -32.46 -16.49
CA LYS B 272 -7.43 -32.51 -17.89
C LYS B 272 -7.48 -33.94 -18.42
N ASP B 273 -6.71 -34.86 -17.84
CA ASP B 273 -6.75 -36.25 -18.29
C ASP B 273 -8.11 -36.87 -18.04
N LEU B 274 -8.70 -36.61 -16.87
CA LEU B 274 -10.04 -37.12 -16.58
C LEU B 274 -11.10 -36.43 -17.42
N PHE B 275 -10.83 -35.20 -17.85
CA PHE B 275 -11.79 -34.46 -18.67
C PHE B 275 -11.96 -35.07 -20.06
N GLU B 276 -11.01 -35.89 -20.52
CA GLU B 276 -11.12 -36.47 -21.84
C GLU B 276 -12.20 -37.54 -21.91
N GLU B 277 -12.24 -38.42 -20.89
CA GLU B 277 -13.21 -39.51 -20.87
C GLU B 277 -14.51 -39.14 -20.17
N LYS B 278 -14.67 -37.89 -19.75
CA LYS B 278 -15.90 -37.44 -19.10
C LYS B 278 -16.73 -36.49 -19.95
N ILE B 279 -16.14 -35.83 -20.94
CA ILE B 279 -16.89 -34.88 -21.76
C ILE B 279 -17.91 -35.61 -22.62
N THR B 280 -17.54 -36.79 -23.15
CA THR B 280 -18.44 -37.51 -24.03
C THR B 280 -19.68 -38.02 -23.30
N HIS B 281 -19.52 -38.50 -22.06
CA HIS B 281 -20.65 -39.05 -21.33
C HIS B 281 -21.58 -37.95 -20.83
N SER B 282 -21.02 -36.85 -20.33
CA SER B 282 -21.81 -35.78 -19.76
C SER B 282 -21.51 -34.47 -20.49
N PRO B 283 -22.53 -33.81 -21.07
CA PRO B 283 -22.28 -32.54 -21.75
C PRO B 283 -22.37 -31.36 -20.81
N LEU B 284 -22.11 -30.16 -21.33
CA LEU B 284 -22.18 -28.94 -20.54
C LEU B 284 -23.58 -28.31 -20.55
N THR B 285 -24.54 -28.94 -21.23
CA THR B 285 -25.90 -28.39 -21.29
C THR B 285 -26.54 -28.37 -19.91
N ILE B 286 -26.34 -29.43 -19.12
CA ILE B 286 -26.92 -29.48 -17.78
C ILE B 286 -26.37 -28.40 -16.88
N CYS B 287 -25.10 -28.01 -17.06
CA CYS B 287 -24.53 -26.93 -16.26
C CYS B 287 -25.12 -25.59 -16.66
N PHE B 288 -25.28 -25.35 -17.96
CA PHE B 288 -25.84 -24.12 -18.49
C PHE B 288 -26.24 -24.35 -19.94
N PRO B 289 -27.40 -23.80 -20.37
CA PRO B 289 -27.82 -23.99 -21.77
C PRO B 289 -27.12 -23.09 -22.76
N GLU B 290 -26.19 -22.24 -22.31
CA GLU B 290 -25.55 -21.27 -23.20
C GLU B 290 -24.52 -21.91 -24.13
N TYR B 291 -24.15 -23.17 -23.92
CA TYR B 291 -23.14 -23.83 -24.75
C TYR B 291 -23.78 -24.31 -26.04
N THR B 292 -23.78 -23.42 -27.04
CA THR B 292 -24.32 -23.78 -28.34
C THR B 292 -23.38 -24.70 -29.10
N GLY B 293 -22.08 -24.62 -28.83
CA GLY B 293 -21.13 -25.41 -29.56
C GLY B 293 -21.20 -26.89 -29.22
N ALA B 294 -20.59 -27.70 -30.07
CA ALA B 294 -20.59 -29.15 -29.86
C ALA B 294 -19.72 -29.52 -28.66
N ASN B 295 -20.02 -30.67 -28.07
CA ASN B 295 -19.32 -31.15 -26.89
C ASN B 295 -18.11 -31.98 -27.32
N LYS B 296 -16.92 -31.39 -27.22
CA LYS B 296 -15.67 -32.08 -27.52
C LYS B 296 -14.64 -31.69 -26.47
N TYR B 297 -13.65 -32.57 -26.27
CA TYR B 297 -12.65 -32.32 -25.25
C TYR B 297 -11.87 -31.04 -25.53
N ASP B 298 -11.46 -30.84 -26.78
CA ASP B 298 -10.72 -29.63 -27.14
C ASP B 298 -11.65 -28.42 -27.11
N GLU B 299 -12.87 -28.56 -27.64
CA GLU B 299 -13.78 -27.42 -27.71
C GLU B 299 -14.27 -26.99 -26.32
N ALA B 300 -14.67 -27.96 -25.49
CA ALA B 300 -15.20 -27.61 -24.18
C ALA B 300 -14.13 -27.02 -23.27
N ALA B 301 -12.95 -27.64 -23.25
CA ALA B 301 -11.88 -27.15 -22.37
C ALA B 301 -11.45 -25.74 -22.77
N SER B 302 -11.33 -25.49 -24.08
CA SER B 302 -10.98 -24.14 -24.54
C SER B 302 -12.08 -23.14 -24.20
N TYR B 303 -13.35 -23.53 -24.37
CA TYR B 303 -14.44 -22.60 -24.14
C TYR B 303 -14.66 -22.34 -22.66
N ILE B 304 -14.58 -23.39 -21.84
CA ILE B 304 -14.75 -23.23 -20.40
C ILE B 304 -13.63 -22.38 -19.83
N GLN B 305 -12.46 -22.36 -20.48
CA GLN B 305 -11.41 -21.43 -20.09
C GLN B 305 -11.86 -19.99 -20.24
N SER B 306 -12.53 -19.68 -21.35
CA SER B 306 -13.05 -18.32 -21.58
C SER B 306 -14.21 -17.98 -20.66
N LYS B 307 -14.77 -18.96 -19.96
CA LYS B 307 -15.87 -18.69 -19.02
C LYS B 307 -15.41 -17.95 -17.77
N PHE B 308 -14.10 -17.77 -17.58
CA PHE B 308 -13.58 -17.10 -16.40
C PHE B 308 -13.07 -15.68 -16.68
N GLU B 309 -12.64 -15.39 -17.90
CA GLU B 309 -12.14 -14.05 -18.21
C GLU B 309 -13.29 -13.04 -18.27
N ASP B 310 -14.47 -13.48 -18.73
CA ASP B 310 -15.60 -12.56 -18.80
C ASP B 310 -16.07 -12.14 -17.41
N LEU B 311 -15.75 -12.91 -16.37
CA LEU B 311 -16.04 -12.49 -15.01
C LEU B 311 -15.15 -11.33 -14.56
N ASN B 312 -14.00 -11.14 -15.21
CA ASN B 312 -13.11 -10.05 -14.87
C ASN B 312 -13.64 -8.74 -15.43
N LYS B 313 -13.85 -7.75 -14.56
CA LYS B 313 -14.36 -6.46 -15.00
C LYS B 313 -13.26 -5.49 -15.37
N ARG B 314 -12.06 -5.63 -14.79
CA ARG B 314 -10.97 -4.72 -15.11
C ARG B 314 -10.39 -5.01 -16.49
N LYS B 315 -9.85 -6.21 -16.68
CA LYS B 315 -9.30 -6.68 -17.96
C LYS B 315 -8.11 -5.84 -18.42
N ASP B 316 -7.69 -4.88 -17.61
CA ASP B 316 -6.55 -4.02 -17.94
C ASP B 316 -5.42 -4.13 -16.92
N THR B 317 -5.73 -4.06 -15.63
CA THR B 317 -4.70 -4.16 -14.60
C THR B 317 -4.38 -5.61 -14.25
N LYS B 318 -5.36 -6.50 -14.38
CA LYS B 318 -5.20 -7.91 -14.04
C LYS B 318 -5.23 -8.76 -15.30
N GLU B 319 -4.24 -9.64 -15.45
CA GLU B 319 -4.15 -10.57 -16.57
C GLU B 319 -4.27 -11.98 -16.02
N ILE B 320 -5.22 -12.74 -16.56
CA ILE B 320 -5.46 -14.12 -16.11
C ILE B 320 -4.63 -15.05 -16.98
N TYR B 321 -3.75 -15.82 -16.34
CA TYR B 321 -2.91 -16.80 -17.03
C TYR B 321 -3.50 -18.18 -16.81
N THR B 322 -3.90 -18.84 -17.89
CA THR B 322 -4.56 -20.14 -17.83
C THR B 322 -3.65 -21.22 -18.40
N HIS B 323 -3.55 -22.34 -17.69
CA HIS B 323 -2.74 -23.47 -18.13
C HIS B 323 -3.40 -24.76 -17.67
N PHE B 324 -3.23 -25.81 -18.47
CA PHE B 324 -3.75 -27.13 -18.16
C PHE B 324 -2.62 -27.99 -17.61
N THR B 325 -2.82 -28.52 -16.40
CA THR B 325 -1.77 -29.29 -15.76
C THR B 325 -1.57 -30.63 -16.46
N CYS B 326 -0.31 -31.06 -16.53
CA CYS B 326 0.05 -32.32 -17.15
C CYS B 326 1.08 -33.04 -16.29
N SER B 327 1.30 -34.31 -16.60
CA SER B 327 2.25 -35.14 -15.86
C SER B 327 3.67 -35.02 -16.39
N THR B 328 3.90 -34.18 -17.39
CA THR B 328 5.25 -34.00 -17.92
C THR B 328 6.17 -33.40 -16.86
N ASP B 329 7.38 -33.95 -16.77
CA ASP B 329 8.34 -33.52 -15.76
C ASP B 329 8.80 -32.09 -16.04
N THR B 330 8.75 -31.24 -15.01
CA THR B 330 9.18 -29.85 -15.09
C THR B 330 8.45 -29.11 -16.22
N LYS B 331 7.13 -29.23 -16.20
CA LYS B 331 6.29 -28.53 -17.15
C LYS B 331 5.20 -27.70 -16.49
N ASN B 332 4.60 -28.22 -15.42
CA ASN B 332 3.58 -27.45 -14.70
C ASN B 332 4.21 -26.29 -13.94
N VAL B 333 5.31 -26.55 -13.22
CA VAL B 333 6.01 -25.49 -12.52
C VAL B 333 6.68 -24.52 -13.50
N GLN B 334 6.98 -24.99 -14.72
CA GLN B 334 7.59 -24.11 -15.71
C GLN B 334 6.65 -22.96 -16.08
N PHE B 335 5.35 -23.26 -16.21
CA PHE B 335 4.38 -22.21 -16.49
C PHE B 335 4.29 -21.20 -15.36
N VAL B 336 4.36 -21.67 -14.11
CA VAL B 336 4.29 -20.77 -12.96
C VAL B 336 5.46 -19.80 -12.98
N PHE B 337 6.66 -20.29 -13.30
CA PHE B 337 7.81 -19.42 -13.41
C PHE B 337 7.63 -18.36 -14.49
N ASP B 338 7.09 -18.75 -15.65
CA ASP B 338 6.81 -17.79 -16.70
C ASP B 338 5.71 -16.82 -16.30
N ALA B 339 4.65 -17.32 -15.68
CA ALA B 339 3.56 -16.45 -15.24
C ALA B 339 4.01 -15.46 -14.18
N VAL B 340 4.84 -15.91 -13.23
CA VAL B 340 5.39 -15.00 -12.24
C VAL B 340 6.30 -13.97 -12.90
N THR B 341 7.11 -14.40 -13.88
CA THR B 341 7.96 -13.46 -14.59
C THR B 341 7.14 -12.43 -15.36
N ASP B 342 6.03 -12.85 -15.96
CA ASP B 342 5.20 -11.92 -16.72
C ASP B 342 4.60 -10.84 -15.84
N VAL B 343 4.01 -11.24 -14.71
CA VAL B 343 3.38 -10.27 -13.82
C VAL B 343 4.43 -9.39 -13.14
N ILE B 344 5.59 -9.96 -12.80
CA ILE B 344 6.66 -9.16 -12.21
C ILE B 344 7.16 -8.11 -13.20
N ILE B 345 7.30 -8.51 -14.48
CA ILE B 345 7.75 -7.56 -15.50
C ILE B 345 6.75 -6.41 -15.61
N LYS B 346 5.46 -6.71 -15.62
CA LYS B 346 4.45 -5.66 -15.61
C LYS B 346 4.54 -4.82 -14.34
N ASN B 347 4.75 -5.47 -13.19
CA ASN B 347 4.92 -4.74 -11.93
C ASN B 347 6.22 -3.94 -11.93
N ASN B 348 7.30 -4.51 -12.46
CA ASN B 348 8.57 -3.80 -12.50
C ASN B 348 8.56 -2.63 -13.48
N LEU B 349 7.60 -2.60 -14.40
CA LEU B 349 7.46 -1.49 -15.33
C LEU B 349 6.32 -0.55 -14.99
N LYS B 350 5.35 -0.99 -14.18
CA LYS B 350 4.29 -0.08 -13.75
C LYS B 350 4.83 1.04 -12.89
N ASP B 351 5.75 0.73 -11.96
CA ASP B 351 6.38 1.76 -11.16
C ASP B 351 7.45 2.52 -11.94
N CYS B 352 7.91 1.96 -13.05
CA CYS B 352 8.88 2.63 -13.92
C CYS B 352 8.21 3.54 -14.94
N GLY B 353 6.89 3.66 -14.91
CA GLY B 353 6.17 4.55 -15.78
C GLY B 353 5.68 3.92 -17.08
N LEU B 354 6.17 2.74 -17.42
CA LEU B 354 5.76 2.09 -18.67
C LEU B 354 4.34 1.54 -18.62
N PHE B 355 3.72 1.50 -17.45
CA PHE B 355 2.35 1.02 -17.33
C PHE B 355 1.57 1.83 -16.28
N GLU C 9 -41.41 -28.29 19.04
CA GLU C 9 -40.03 -28.42 19.50
C GLU C 9 -39.19 -27.23 19.03
N LEU C 10 -38.65 -27.33 17.81
CA LEU C 10 -37.85 -26.23 17.27
C LEU C 10 -38.68 -24.97 17.08
N ASP C 11 -39.90 -25.12 16.57
CA ASP C 11 -40.77 -23.96 16.37
C ASP C 11 -41.15 -23.33 17.70
N GLN C 12 -41.46 -24.15 18.70
CA GLN C 12 -41.80 -23.61 20.02
C GLN C 12 -40.61 -22.88 20.63
N LEU C 13 -39.41 -23.45 20.50
CA LEU C 13 -38.22 -22.80 21.04
C LEU C 13 -37.94 -21.48 20.32
N ARG C 14 -38.11 -21.45 19.00
CA ARG C 14 -37.91 -20.22 18.25
C ARG C 14 -38.92 -19.15 18.66
N GLN C 15 -40.19 -19.55 18.83
CA GLN C 15 -41.21 -18.60 19.27
C GLN C 15 -40.91 -18.07 20.66
N GLU C 16 -40.50 -18.94 21.58
CA GLU C 16 -40.14 -18.48 22.93
C GLU C 16 -38.95 -17.53 22.89
N ALA C 17 -37.95 -17.84 22.05
CA ALA C 17 -36.79 -16.97 21.94
C ALA C 17 -37.18 -15.60 21.40
N GLU C 18 -38.04 -15.56 20.37
CA GLU C 18 -38.49 -14.29 19.83
C GLU C 18 -39.29 -13.50 20.84
N GLN C 19 -40.18 -14.18 21.58
CA GLN C 19 -40.98 -13.50 22.60
C GLN C 19 -40.10 -12.91 23.68
N LEU C 20 -39.11 -13.67 24.14
CA LEU C 20 -38.23 -13.17 25.19
C LEU C 20 -37.31 -12.07 24.66
N LYS C 21 -36.94 -12.13 23.38
CA LYS C 21 -36.15 -11.08 22.79
C LYS C 21 -36.92 -9.76 22.73
N ASN C 22 -38.19 -9.82 22.31
CA ASN C 22 -38.98 -8.59 22.29
C ASN C 22 -39.27 -8.10 23.70
N GLN C 23 -39.41 -9.02 24.65
CA GLN C 23 -39.57 -8.63 26.05
C GLN C 23 -38.34 -7.89 26.57
N ILE C 24 -37.15 -8.41 26.28
CA ILE C 24 -35.93 -7.76 26.73
C ILE C 24 -35.73 -6.43 26.02
N ARG C 25 -36.14 -6.34 24.75
CA ARG C 25 -36.08 -5.07 24.04
C ARG C 25 -37.02 -4.04 24.67
N ASP C 26 -38.23 -4.47 25.05
CA ASP C 26 -39.15 -3.56 25.72
C ASP C 26 -38.60 -3.13 27.07
N ALA C 27 -37.98 -4.05 27.80
CA ALA C 27 -37.38 -3.69 29.09
C ALA C 27 -36.26 -2.67 28.90
N ARG C 28 -35.43 -2.87 27.88
CA ARG C 28 -34.37 -1.90 27.59
C ARG C 28 -34.93 -0.55 27.20
N LYS C 29 -35.99 -0.53 26.39
CA LYS C 29 -36.62 0.73 26.02
C LYS C 29 -37.20 1.45 27.23
N ALA C 30 -37.84 0.70 28.13
CA ALA C 30 -38.37 1.30 29.35
C ALA C 30 -37.28 1.81 30.27
N CYS C 31 -36.13 1.13 30.28
CA CYS C 31 -35.01 1.57 31.12
C CYS C 31 -34.43 2.90 30.65
N ALA C 32 -34.39 3.13 29.34
CA ALA C 32 -33.81 4.35 28.78
C ALA C 32 -34.81 5.48 28.93
N ASP C 33 -34.68 6.24 30.01
CA ASP C 33 -35.57 7.38 30.24
C ASP C 33 -35.05 8.64 29.58
N ALA C 34 -33.76 8.92 29.72
CA ALA C 34 -33.14 10.10 29.14
C ALA C 34 -31.82 9.71 28.49
N THR C 35 -31.62 10.15 27.25
CA THR C 35 -30.39 9.86 26.54
C THR C 35 -29.24 10.70 27.08
N LEU C 36 -28.02 10.25 26.83
CA LEU C 36 -26.84 10.98 27.27
C LEU C 36 -26.75 12.35 26.60
N SER C 37 -27.02 12.41 25.30
CA SER C 37 -26.90 13.66 24.56
C SER C 37 -27.91 14.71 25.04
N GLN C 38 -29.05 14.29 25.58
CA GLN C 38 -30.02 15.25 26.08
C GLN C 38 -29.53 15.95 27.35
N ILE C 39 -28.80 15.23 28.20
CA ILE C 39 -28.30 15.81 29.45
C ILE C 39 -26.86 16.29 29.35
N THR C 40 -26.19 16.08 28.21
CA THR C 40 -24.81 16.52 28.03
C THR C 40 -24.70 18.00 27.68
N ASN C 41 -25.83 18.68 27.44
CA ASN C 41 -25.79 20.08 27.06
C ASN C 41 -25.23 20.98 28.16
N ASN C 42 -25.15 20.47 29.40
CA ASN C 42 -24.64 21.29 30.49
C ASN C 42 -23.12 21.45 30.44
N ILE C 43 -22.39 20.41 30.05
CA ILE C 43 -20.94 20.46 30.05
C ILE C 43 -20.45 21.25 28.84
N ASP C 44 -19.34 21.97 29.03
CA ASP C 44 -18.76 22.76 27.95
C ASP C 44 -17.94 21.86 27.03
N PRO C 45 -18.20 21.86 25.73
CA PRO C 45 -17.42 21.01 24.82
C PRO C 45 -15.95 21.43 24.80
N VAL C 46 -15.08 20.44 24.60
CA VAL C 46 -13.65 20.71 24.57
C VAL C 46 -13.27 21.52 23.34
N GLY C 47 -13.99 21.34 22.23
CA GLY C 47 -13.69 22.10 21.03
C GLY C 47 -12.60 21.43 20.19
N ARG C 48 -12.00 22.22 19.31
CA ARG C 48 -10.96 21.70 18.43
C ARG C 48 -9.72 21.36 19.23
N ILE C 49 -9.11 20.22 18.91
CA ILE C 49 -7.89 19.75 19.56
C ILE C 49 -6.85 19.52 18.46
N GLN C 50 -5.67 20.09 18.65
CA GLN C 50 -4.58 19.97 17.68
C GLN C 50 -3.57 18.97 18.19
N MET C 51 -3.30 17.93 17.39
CA MET C 51 -2.34 16.89 17.73
C MET C 51 -1.41 16.68 16.54
N ARG C 52 -0.11 16.73 16.81
CA ARG C 52 0.91 16.63 15.78
C ARG C 52 1.77 15.39 15.98
N THR C 53 2.41 14.96 14.90
CA THR C 53 3.27 13.77 14.92
C THR C 53 4.57 14.12 15.62
N ARG C 54 4.72 13.67 16.86
CA ARG C 54 5.97 13.92 17.60
C ARG C 54 7.09 13.01 17.11
N ARG C 55 6.83 11.71 17.04
CA ARG C 55 7.81 10.74 16.58
C ARG C 55 7.26 9.94 15.41
N THR C 56 8.12 9.71 14.42
CA THR C 56 7.82 8.89 13.25
C THR C 56 8.72 7.66 13.32
N LEU C 57 8.16 6.55 13.81
CA LEU C 57 8.88 5.30 13.97
C LEU C 57 8.81 4.56 12.63
N ARG C 58 9.90 4.61 11.88
CA ARG C 58 9.97 4.02 10.54
C ARG C 58 11.02 2.91 10.54
N GLY C 59 10.60 1.72 10.95
CA GLY C 59 11.47 0.56 10.90
C GLY C 59 10.88 -0.62 10.16
N HIS C 60 9.55 -0.68 10.10
CA HIS C 60 8.87 -1.80 9.47
C HIS C 60 9.02 -1.71 7.94
N LEU C 61 8.76 -2.85 7.29
CA LEU C 61 8.82 -2.92 5.84
C LEU C 61 7.57 -3.57 5.23
N ALA C 62 6.46 -3.57 5.95
CA ALA C 62 5.22 -4.16 5.46
C ALA C 62 4.05 -3.49 6.18
N LYS C 63 2.84 -3.97 5.88
CA LYS C 63 1.63 -3.37 6.43
C LYS C 63 1.49 -3.76 7.91
N ILE C 64 1.56 -2.75 8.78
CA ILE C 64 1.37 -2.97 10.21
C ILE C 64 -0.10 -3.17 10.51
N TYR C 65 -0.42 -4.20 11.30
CA TYR C 65 -1.81 -4.49 11.63
C TYR C 65 -2.18 -4.34 13.10
N ALA C 66 -1.24 -4.51 14.03
CA ALA C 66 -1.59 -4.43 15.43
C ALA C 66 -0.40 -3.90 16.23
N MET C 67 -0.71 -3.29 17.38
CA MET C 67 0.30 -2.83 18.32
C MET C 67 -0.30 -2.79 19.71
N HIS C 68 0.55 -2.49 20.70
CA HIS C 68 0.10 -2.36 22.08
C HIS C 68 1.16 -1.58 22.87
N TRP C 69 0.69 -0.81 23.85
CA TRP C 69 1.55 -0.08 24.77
C TRP C 69 1.87 -0.90 26.02
N GLY C 70 3.03 -0.64 26.60
CA GLY C 70 3.35 -1.17 27.90
C GLY C 70 2.71 -0.37 29.03
N THR C 71 2.75 -0.96 30.23
CA THR C 71 2.27 -0.25 31.41
C THR C 71 3.18 0.91 31.79
N ASP C 72 4.42 0.92 31.30
CA ASP C 72 5.35 2.01 31.60
C ASP C 72 5.14 3.22 30.72
N SER C 73 4.24 3.16 29.73
CA SER C 73 3.91 4.26 28.84
C SER C 73 5.10 4.71 28.01
N ARG C 74 6.13 3.88 27.88
CA ARG C 74 7.33 4.20 27.12
C ARG C 74 7.68 3.13 26.10
N LEU C 75 7.47 1.86 26.41
CA LEU C 75 7.90 0.75 25.58
C LEU C 75 6.68 0.13 24.91
N LEU C 76 6.68 0.10 23.58
CA LEU C 76 5.56 -0.43 22.82
C LEU C 76 6.02 -1.60 21.94
N VAL C 77 5.06 -2.24 21.29
CA VAL C 77 5.34 -3.38 20.41
C VAL C 77 4.42 -3.28 19.19
N SER C 78 4.96 -3.59 18.01
CA SER C 78 4.23 -3.48 16.75
C SER C 78 4.44 -4.72 15.90
N ALA C 79 3.43 -5.04 15.10
CA ALA C 79 3.41 -6.23 14.25
C ALA C 79 3.02 -5.86 12.83
N SER C 80 3.79 -6.34 11.85
CA SER C 80 3.51 -6.15 10.44
C SER C 80 3.69 -7.47 9.70
N GLN C 81 3.44 -7.44 8.40
CA GLN C 81 3.49 -8.64 7.56
C GLN C 81 4.89 -8.97 7.06
N ASP C 82 5.93 -8.32 7.59
CA ASP C 82 7.30 -8.64 7.22
C ASP C 82 7.88 -9.79 8.04
N GLY C 83 7.07 -10.42 8.88
CA GLY C 83 7.57 -11.50 9.72
C GLY C 83 8.42 -11.04 10.87
N LYS C 84 8.32 -9.77 11.25
CA LYS C 84 9.12 -9.20 12.33
C LYS C 84 8.18 -8.51 13.32
N LEU C 85 8.28 -8.89 14.58
CA LEU C 85 7.60 -8.19 15.67
C LEU C 85 8.63 -7.28 16.35
N ILE C 86 8.37 -5.98 16.33
CA ILE C 86 9.35 -5.00 16.76
C ILE C 86 8.89 -4.36 18.06
N ILE C 87 9.70 -4.50 19.10
CA ILE C 87 9.46 -3.84 20.38
C ILE C 87 10.23 -2.53 20.34
N TRP C 88 9.49 -1.42 20.27
CA TRP C 88 10.01 -0.08 20.06
C TRP C 88 10.11 0.69 21.38
N ASP C 89 11.11 1.57 21.44
CA ASP C 89 11.23 2.56 22.51
C ASP C 89 10.70 3.87 21.97
N SER C 90 9.50 4.25 22.40
CA SER C 90 8.86 5.46 21.87
C SER C 90 9.56 6.74 22.32
N TYR C 91 10.34 6.68 23.40
CA TYR C 91 10.99 7.88 23.92
C TYR C 91 12.15 8.31 23.02
N THR C 92 13.14 7.44 22.85
CA THR C 92 14.35 7.76 22.11
C THR C 92 14.26 7.34 20.64
N THR C 93 13.14 6.79 20.21
CA THR C 93 12.92 6.36 18.83
C THR C 93 14.01 5.35 18.40
N ASN C 94 14.02 4.24 19.12
CA ASN C 94 14.96 3.16 18.84
C ASN C 94 14.26 1.83 19.00
N LYS C 95 14.80 0.81 18.33
CA LYS C 95 14.25 -0.53 18.38
C LYS C 95 14.89 -1.28 19.55
N VAL C 96 14.13 -1.44 20.64
CA VAL C 96 14.61 -2.21 21.77
C VAL C 96 14.79 -3.67 21.37
N HIS C 97 13.84 -4.22 20.64
CA HIS C 97 13.92 -5.61 20.20
C HIS C 97 13.30 -5.75 18.83
N ALA C 98 13.73 -6.79 18.11
CA ALA C 98 13.13 -7.16 16.83
C ALA C 98 13.24 -8.67 16.70
N ILE C 99 12.11 -9.35 16.77
CA ILE C 99 12.07 -10.81 16.85
C ILE C 99 11.40 -11.34 15.58
N PRO C 100 12.01 -12.30 14.88
CA PRO C 100 11.37 -12.86 13.69
C PRO C 100 10.15 -13.69 14.06
N LEU C 101 9.19 -13.73 13.14
CA LEU C 101 7.98 -14.52 13.31
C LEU C 101 7.96 -15.66 12.32
N ARG C 102 7.61 -16.86 12.80
CA ARG C 102 7.52 -18.02 11.92
C ARG C 102 6.40 -17.89 10.91
N SER C 103 5.38 -17.09 11.20
CA SER C 103 4.29 -16.82 10.28
C SER C 103 4.21 -15.32 10.03
N SER C 104 4.33 -14.92 8.76
CA SER C 104 4.28 -13.50 8.43
C SER C 104 2.88 -12.93 8.61
N TRP C 105 1.85 -13.79 8.57
CA TRP C 105 0.47 -13.34 8.71
C TRP C 105 0.15 -13.17 10.18
N VAL C 106 0.27 -11.95 10.66
CA VAL C 106 -0.03 -11.60 12.04
C VAL C 106 -1.02 -10.44 12.05
N MET C 107 -2.08 -10.57 12.86
CA MET C 107 -3.08 -9.53 12.99
C MET C 107 -3.30 -9.06 14.42
N THR C 108 -2.66 -9.69 15.39
CA THR C 108 -2.80 -9.34 16.80
C THR C 108 -1.45 -9.04 17.41
N CYS C 109 -1.49 -8.26 18.49
CA CYS C 109 -0.27 -7.87 19.19
C CYS C 109 -0.63 -7.48 20.60
N ALA C 110 -0.12 -8.20 21.59
CA ALA C 110 -0.39 -7.94 22.99
C ALA C 110 0.92 -7.90 23.76
N TYR C 111 0.92 -7.13 24.85
CA TYR C 111 2.11 -6.92 25.66
C TYR C 111 1.76 -7.23 27.10
N ALA C 112 2.61 -8.00 27.77
CA ALA C 112 2.32 -8.40 29.14
C ALA C 112 2.35 -7.20 30.08
N PRO C 113 1.47 -7.18 31.08
CA PRO C 113 1.48 -6.06 32.05
C PRO C 113 2.82 -5.89 32.75
N SER C 114 3.53 -6.97 33.05
CA SER C 114 4.84 -6.87 33.68
C SER C 114 5.95 -6.63 32.68
N GLY C 115 5.68 -6.82 31.39
CA GLY C 115 6.66 -6.54 30.35
C GLY C 115 7.61 -7.66 30.00
N ASN C 116 7.37 -8.87 30.49
CA ASN C 116 8.26 -9.99 30.22
C ASN C 116 7.88 -10.79 28.98
N TYR C 117 6.60 -10.88 28.66
CA TYR C 117 6.11 -11.68 27.55
C TYR C 117 5.42 -10.81 26.52
N VAL C 118 5.51 -11.24 25.25
CA VAL C 118 4.81 -10.57 24.16
C VAL C 118 4.21 -11.63 23.25
N ALA C 119 2.95 -11.44 22.86
CA ALA C 119 2.22 -12.43 22.07
C ALA C 119 1.95 -11.90 20.66
N CYS C 120 1.96 -12.82 19.70
CA CYS C 120 1.65 -12.49 18.32
C CYS C 120 0.96 -13.69 17.68
N GLY C 121 0.02 -13.40 16.78
CA GLY C 121 -0.72 -14.47 16.13
C GLY C 121 -1.48 -13.96 14.92
N GLY C 122 -1.99 -14.92 14.15
CA GLY C 122 -2.70 -14.58 12.93
C GLY C 122 -3.25 -15.77 12.19
N LEU C 123 -3.03 -15.81 10.87
CA LEU C 123 -3.65 -16.83 10.02
C LEU C 123 -3.13 -18.24 10.31
N ASP C 124 -2.03 -18.37 11.07
CA ASP C 124 -1.44 -19.68 11.34
C ASP C 124 -2.12 -20.41 12.49
N ASN C 125 -3.17 -19.84 13.07
CA ASN C 125 -3.95 -20.43 14.16
C ASN C 125 -3.15 -20.63 15.43
N ILE C 126 -1.91 -20.14 15.48
CA ILE C 126 -1.01 -20.38 16.61
C ILE C 126 -0.65 -19.03 17.22
N CYS C 127 -0.86 -18.91 18.52
CA CYS C 127 -0.47 -17.72 19.27
C CYS C 127 0.90 -17.98 19.88
N SER C 128 1.92 -17.28 19.38
CA SER C 128 3.28 -17.44 19.85
C SER C 128 3.58 -16.35 20.88
N ILE C 129 3.95 -16.77 22.09
CA ILE C 129 4.31 -15.86 23.17
C ILE C 129 5.80 -16.02 23.43
N TYR C 130 6.54 -14.93 23.33
CA TYR C 130 7.98 -14.91 23.46
C TYR C 130 8.40 -14.09 24.67
N ASN C 131 9.43 -14.55 25.36
CA ASN C 131 9.93 -13.91 26.56
C ASN C 131 10.87 -12.77 26.19
N LEU C 132 10.57 -11.56 26.68
CA LEU C 132 11.39 -10.40 26.38
C LEU C 132 12.64 -10.31 27.25
N LYS C 133 12.71 -11.10 28.32
CA LYS C 133 13.87 -11.05 29.20
C LYS C 133 15.07 -11.74 28.56
N THR C 134 14.93 -13.03 28.24
CA THR C 134 15.96 -13.86 27.59
C THR C 134 17.37 -13.53 28.08
N ARG C 135 17.54 -13.57 29.40
CA ARG C 135 18.82 -13.26 30.01
C ARG C 135 19.90 -14.26 29.64
N GLU C 136 19.53 -15.43 29.13
CA GLU C 136 20.49 -16.45 28.72
C GLU C 136 21.14 -16.16 27.38
N GLY C 137 20.66 -15.16 26.65
CA GLY C 137 21.22 -14.83 25.36
C GLY C 137 20.23 -14.19 24.40
N ASN C 138 20.13 -14.73 23.20
CA ASN C 138 19.20 -14.20 22.21
C ASN C 138 17.77 -14.61 22.55
N VAL C 139 16.82 -13.97 21.86
CA VAL C 139 15.41 -14.28 22.09
C VAL C 139 15.11 -15.70 21.63
N ARG C 140 14.12 -16.32 22.28
CA ARG C 140 13.78 -17.71 22.00
C ARG C 140 12.28 -17.92 22.19
N VAL C 141 11.78 -19.01 21.62
CA VAL C 141 10.38 -19.36 21.75
C VAL C 141 10.07 -19.74 23.19
N SER C 142 8.99 -19.18 23.73
CA SER C 142 8.53 -19.50 25.08
C SER C 142 7.29 -20.39 25.08
N ARG C 143 6.22 -19.97 24.40
CA ARG C 143 5.00 -20.76 24.33
C ARG C 143 4.39 -20.62 22.95
N GLU C 144 3.68 -21.67 22.52
CA GLU C 144 2.99 -21.70 21.22
C GLU C 144 1.63 -22.37 21.45
N LEU C 145 0.61 -21.54 21.65
CA LEU C 145 -0.74 -22.05 21.86
C LEU C 145 -1.37 -22.37 20.52
N ALA C 146 -1.79 -23.63 20.34
CA ALA C 146 -2.41 -24.11 19.10
C ALA C 146 -3.68 -24.85 19.46
N GLY C 147 -4.79 -24.10 19.58
CA GLY C 147 -6.07 -24.70 19.87
C GLY C 147 -7.22 -24.05 19.13
N HIS C 148 -6.91 -23.08 18.28
CA HIS C 148 -7.90 -22.32 17.54
C HIS C 148 -7.98 -22.81 16.10
N THR C 149 -9.18 -22.76 15.54
CA THR C 149 -9.41 -23.10 14.13
C THR C 149 -9.72 -21.87 13.29
N GLY C 150 -9.65 -20.68 13.87
CA GLY C 150 -9.84 -19.44 13.16
C GLY C 150 -8.55 -18.65 13.01
N TYR C 151 -8.68 -17.48 12.40
CA TYR C 151 -7.52 -16.66 12.05
C TYR C 151 -6.94 -15.89 13.23
N LEU C 152 -7.36 -16.20 14.47
CA LEU C 152 -6.75 -15.66 15.68
C LEU C 152 -6.78 -14.13 15.68
N SER C 153 -8.00 -13.61 15.79
CA SER C 153 -8.26 -12.19 15.62
C SER C 153 -7.39 -11.33 16.55
N CYS C 154 -7.57 -11.49 17.86
CA CYS C 154 -6.89 -10.63 18.83
C CYS C 154 -6.52 -11.44 20.06
N CYS C 155 -5.57 -10.90 20.82
CA CYS C 155 -5.14 -11.51 22.07
C CYS C 155 -4.80 -10.43 23.07
N ARG C 156 -5.00 -10.72 24.36
CA ARG C 156 -4.74 -9.77 25.42
C ARG C 156 -4.21 -10.50 26.65
N PHE C 157 -3.18 -9.94 27.28
CA PHE C 157 -2.59 -10.53 28.47
C PHE C 157 -3.36 -10.10 29.70
N LEU C 158 -3.83 -11.08 30.48
CA LEU C 158 -4.34 -10.79 31.82
C LEU C 158 -3.20 -10.60 32.80
N ASP C 159 -2.29 -11.56 32.85
CA ASP C 159 -1.08 -11.49 33.66
C ASP C 159 0.00 -12.31 32.96
N ASP C 160 1.06 -12.66 33.70
CA ASP C 160 2.12 -13.49 33.14
C ASP C 160 1.72 -14.95 32.98
N ASN C 161 0.54 -15.34 33.48
CA ASN C 161 0.11 -16.73 33.41
C ASN C 161 -1.26 -16.91 32.78
N GLN C 162 -1.87 -15.84 32.25
CA GLN C 162 -3.19 -15.96 31.64
C GLN C 162 -3.28 -15.01 30.45
N ILE C 163 -3.78 -15.52 29.34
CA ILE C 163 -3.99 -14.73 28.13
C ILE C 163 -5.33 -15.11 27.52
N VAL C 164 -6.11 -14.11 27.11
CA VAL C 164 -7.40 -14.32 26.48
C VAL C 164 -7.25 -14.04 24.99
N THR C 165 -7.54 -15.04 24.17
CA THR C 165 -7.42 -14.94 22.73
C THR C 165 -8.78 -15.15 22.09
N SER C 166 -9.20 -14.20 21.26
CA SER C 166 -10.41 -14.33 20.46
C SER C 166 -10.01 -14.55 19.00
N SER C 167 -10.62 -15.54 18.38
CA SER C 167 -10.20 -15.99 17.06
C SER C 167 -11.37 -15.94 16.09
N GLY C 168 -11.10 -16.34 14.85
CA GLY C 168 -12.07 -16.41 13.80
C GLY C 168 -12.93 -17.66 13.79
N ASP C 169 -12.84 -18.47 14.84
CA ASP C 169 -13.66 -19.67 14.98
C ASP C 169 -14.91 -19.43 15.83
N THR C 170 -15.38 -18.18 15.92
CA THR C 170 -16.62 -17.82 16.58
C THR C 170 -16.54 -18.03 18.09
N THR C 171 -15.38 -18.47 18.57
CA THR C 171 -15.19 -18.77 19.97
C THR C 171 -13.96 -18.02 20.50
N CYS C 172 -13.95 -17.81 21.83
CA CYS C 172 -12.82 -17.19 22.49
C CYS C 172 -12.13 -18.21 23.40
N ALA C 173 -10.86 -17.99 23.68
CA ALA C 173 -10.09 -18.93 24.49
C ALA C 173 -9.26 -18.20 25.52
N LEU C 174 -9.34 -18.65 26.77
CA LEU C 174 -8.48 -18.21 27.85
C LEU C 174 -7.49 -19.33 28.15
N TRP C 175 -6.20 -19.02 28.04
CA TRP C 175 -5.14 -20.01 28.13
C TRP C 175 -4.35 -19.82 29.42
N ASP C 176 -3.38 -20.71 29.63
CA ASP C 176 -2.41 -20.60 30.72
C ASP C 176 -1.02 -20.75 30.13
N ILE C 177 -0.13 -19.81 30.46
CA ILE C 177 1.22 -19.84 29.89
C ILE C 177 2.01 -21.04 30.42
N GLU C 178 1.89 -21.34 31.72
CA GLU C 178 2.66 -22.44 32.29
C GLU C 178 2.25 -23.77 31.69
N THR C 179 0.95 -24.03 31.61
CA THR C 179 0.47 -25.29 31.06
C THR C 179 0.56 -25.31 29.53
N GLY C 180 0.33 -24.18 28.88
CA GLY C 180 0.37 -24.12 27.44
C GLY C 180 -0.87 -24.64 26.73
N GLN C 181 -1.94 -24.90 27.47
CA GLN C 181 -3.18 -25.44 26.91
C GLN C 181 -4.34 -24.53 27.25
N GLN C 182 -5.40 -24.64 26.46
CA GLN C 182 -6.59 -23.81 26.67
C GLN C 182 -7.28 -24.20 27.97
N THR C 183 -7.63 -23.20 28.77
CA THR C 183 -8.29 -23.41 30.05
C THR C 183 -9.79 -23.14 29.99
N THR C 184 -10.20 -22.02 29.42
CA THR C 184 -11.60 -21.63 29.34
C THR C 184 -11.99 -21.41 27.88
N THR C 185 -13.17 -21.89 27.50
CA THR C 185 -13.68 -21.75 26.15
C THR C 185 -14.97 -20.96 26.20
N PHE C 186 -15.00 -19.83 25.48
CA PHE C 186 -16.15 -18.94 25.44
C PHE C 186 -16.90 -19.19 24.13
N THR C 187 -18.13 -19.72 24.26
CA THR C 187 -18.95 -20.11 23.11
C THR C 187 -20.33 -19.47 23.26
N GLY C 188 -20.44 -18.22 22.83
CA GLY C 188 -21.73 -17.54 22.82
C GLY C 188 -22.06 -16.87 21.50
N HIS C 189 -21.04 -16.61 20.69
CA HIS C 189 -21.23 -15.86 19.47
C HIS C 189 -21.81 -16.72 18.35
N THR C 190 -22.39 -16.05 17.35
CA THR C 190 -22.85 -16.71 16.14
C THR C 190 -21.98 -16.41 14.93
N GLY C 191 -21.22 -15.30 14.96
CA GLY C 191 -20.26 -15.00 13.92
C GLY C 191 -18.86 -14.90 14.52
N ASP C 192 -17.86 -14.98 13.64
CA ASP C 192 -16.48 -15.01 14.11
C ASP C 192 -16.09 -13.68 14.76
N VAL C 193 -15.18 -13.77 15.73
CA VAL C 193 -14.78 -12.62 16.53
C VAL C 193 -13.65 -11.88 15.82
N MET C 194 -13.57 -10.56 16.04
CA MET C 194 -12.54 -9.76 15.41
C MET C 194 -11.66 -9.00 16.39
N SER C 195 -12.19 -8.53 17.52
CA SER C 195 -11.38 -7.81 18.49
C SER C 195 -12.02 -7.93 19.87
N LEU C 196 -11.18 -7.79 20.89
CA LEU C 196 -11.63 -7.77 22.28
C LEU C 196 -10.66 -6.94 23.10
N SER C 197 -11.13 -6.46 24.24
CA SER C 197 -10.31 -5.66 25.15
C SER C 197 -10.61 -6.07 26.58
N LEU C 198 -9.61 -5.93 27.45
CA LEU C 198 -9.74 -6.30 28.85
C LEU C 198 -10.07 -5.09 29.70
N ALA C 199 -10.86 -5.34 30.75
CA ALA C 199 -11.24 -4.31 31.71
C ALA C 199 -10.10 -4.05 32.69
N PRO C 200 -10.10 -2.89 33.35
CA PRO C 200 -9.02 -2.60 34.32
C PRO C 200 -8.92 -3.62 35.43
N ASP C 201 -10.04 -4.17 35.90
CA ASP C 201 -10.01 -5.17 36.97
C ASP C 201 -9.66 -6.56 36.46
N THR C 202 -9.56 -6.75 35.14
CA THR C 202 -9.19 -8.03 34.52
C THR C 202 -10.07 -9.17 35.02
N ARG C 203 -11.38 -8.89 35.09
CA ARG C 203 -12.35 -9.89 35.52
C ARG C 203 -13.59 -9.97 34.64
N LEU C 204 -13.78 -9.03 33.70
CA LEU C 204 -14.97 -9.01 32.86
C LEU C 204 -14.61 -8.28 31.58
N PHE C 205 -14.46 -9.03 30.48
CA PHE C 205 -14.02 -8.46 29.23
C PHE C 205 -15.09 -8.58 28.15
N VAL C 206 -15.18 -7.56 27.31
CA VAL C 206 -16.13 -7.54 26.21
C VAL C 206 -15.42 -8.02 24.94
N SER C 207 -16.21 -8.55 24.01
CA SER C 207 -15.69 -9.12 22.78
C SER C 207 -16.65 -8.79 21.64
N GLY C 208 -16.09 -8.42 20.48
CA GLY C 208 -16.88 -8.01 19.33
C GLY C 208 -16.67 -8.96 18.16
N ALA C 209 -17.78 -9.36 17.56
CA ALA C 209 -17.80 -10.29 16.44
C ALA C 209 -18.45 -9.62 15.23
N CYS C 210 -18.57 -10.38 14.14
CA CYS C 210 -19.14 -9.87 12.91
C CYS C 210 -20.65 -10.08 12.82
N ASP C 211 -21.28 -10.63 13.85
CA ASP C 211 -22.73 -10.78 13.89
C ASP C 211 -23.42 -9.55 14.47
N ALA C 212 -22.75 -8.40 14.47
CA ALA C 212 -23.30 -7.13 14.94
C ALA C 212 -23.77 -7.22 16.39
N SER C 213 -22.88 -7.68 17.27
CA SER C 213 -23.17 -7.76 18.69
C SER C 213 -21.87 -7.80 19.46
N ALA C 214 -21.91 -7.25 20.69
CA ALA C 214 -20.79 -7.28 21.61
C ALA C 214 -21.21 -8.07 22.85
N LYS C 215 -20.39 -9.02 23.26
CA LYS C 215 -20.75 -9.93 24.34
C LYS C 215 -19.74 -9.84 25.48
N LEU C 216 -20.24 -9.87 26.70
CA LEU C 216 -19.42 -9.84 27.90
C LEU C 216 -19.05 -11.26 28.32
N TRP C 217 -17.88 -11.39 28.93
CA TRP C 217 -17.40 -12.69 29.39
C TRP C 217 -16.64 -12.51 30.69
N ASP C 218 -16.91 -13.39 31.65
CA ASP C 218 -16.20 -13.41 32.92
C ASP C 218 -14.99 -14.34 32.82
N VAL C 219 -13.87 -13.91 33.40
CA VAL C 219 -12.65 -14.70 33.35
C VAL C 219 -12.79 -15.99 34.13
N ARG C 220 -13.43 -15.94 35.30
CA ARG C 220 -13.48 -17.12 36.17
C ARG C 220 -14.46 -18.16 35.66
N GLU C 221 -15.75 -17.82 35.62
CA GLU C 221 -16.77 -18.81 35.31
C GLU C 221 -16.82 -19.12 33.81
N GLY C 222 -16.73 -18.10 32.97
CA GLY C 222 -16.74 -18.28 31.53
C GLY C 222 -18.08 -18.03 30.87
N MET C 223 -19.16 -17.94 31.62
CA MET C 223 -20.47 -17.70 31.05
C MET C 223 -20.60 -16.25 30.57
N CYS C 224 -21.55 -16.05 29.66
CA CYS C 224 -21.76 -14.73 29.04
C CYS C 224 -22.63 -13.86 29.93
N ARG C 225 -22.18 -12.64 30.21
CA ARG C 225 -22.95 -11.72 31.04
C ARG C 225 -24.03 -10.99 30.23
N GLN C 226 -23.61 -10.21 29.24
CA GLN C 226 -24.51 -9.34 28.51
C GLN C 226 -24.23 -9.44 27.02
N THR C 227 -25.25 -9.09 26.22
CA THR C 227 -25.13 -9.09 24.76
C THR C 227 -25.79 -7.83 24.22
N PHE C 228 -25.08 -7.13 23.34
CA PHE C 228 -25.57 -5.90 22.72
C PHE C 228 -25.64 -6.09 21.22
N THR C 229 -26.87 -6.18 20.69
CA THR C 229 -27.11 -6.23 19.26
C THR C 229 -27.44 -4.84 18.72
N GLY C 230 -26.52 -3.90 18.95
CA GLY C 230 -26.74 -2.52 18.58
C GLY C 230 -26.44 -2.21 17.13
N HIS C 231 -25.28 -2.65 16.65
CA HIS C 231 -24.86 -2.35 15.29
C HIS C 231 -25.65 -3.19 14.29
N GLU C 232 -25.49 -2.86 13.00
CA GLU C 232 -26.08 -3.61 11.92
C GLU C 232 -25.05 -4.19 10.97
N SER C 233 -23.75 -3.99 11.23
CA SER C 233 -22.68 -4.52 10.42
C SER C 233 -21.66 -5.21 11.33
N ASP C 234 -20.58 -5.69 10.73
CA ASP C 234 -19.55 -6.40 11.48
C ASP C 234 -18.77 -5.45 12.39
N ILE C 235 -18.55 -5.87 13.63
CA ILE C 235 -17.82 -5.08 14.61
C ILE C 235 -16.37 -5.55 14.62
N ASN C 236 -15.44 -4.63 14.43
CA ASN C 236 -14.03 -4.98 14.35
C ASN C 236 -13.14 -4.16 15.28
N ALA C 237 -13.68 -3.16 15.97
CA ALA C 237 -12.91 -2.36 16.91
C ALA C 237 -13.71 -2.24 18.20
N ILE C 238 -13.02 -2.43 19.33
CA ILE C 238 -13.67 -2.42 20.64
C ILE C 238 -12.63 -2.12 21.71
N CYS C 239 -13.05 -1.41 22.75
CA CYS C 239 -12.16 -1.03 23.84
C CYS C 239 -13.00 -0.64 25.05
N PHE C 240 -12.40 -0.79 26.23
CA PHE C 240 -13.06 -0.48 27.49
C PHE C 240 -12.89 0.98 27.87
N PHE C 241 -13.90 1.53 28.55
CA PHE C 241 -13.78 2.82 29.18
C PHE C 241 -12.80 2.70 30.37
N PRO C 242 -12.07 3.77 30.68
CA PRO C 242 -11.08 3.68 31.77
C PRO C 242 -11.65 3.23 33.11
N ASN C 243 -12.91 3.56 33.42
CA ASN C 243 -13.48 3.13 34.68
C ASN C 243 -13.79 1.64 34.69
N GLY C 244 -14.14 1.07 33.53
CA GLY C 244 -14.51 -0.32 33.42
C GLY C 244 -16.00 -0.59 33.42
N ASN C 245 -16.83 0.45 33.42
CA ASN C 245 -18.28 0.30 33.41
C ASN C 245 -18.90 0.67 32.06
N ALA C 246 -18.08 0.86 31.04
CA ALA C 246 -18.58 1.21 29.70
C ALA C 246 -17.53 0.77 28.69
N PHE C 247 -17.97 0.70 27.42
CA PHE C 247 -17.05 0.36 26.34
C PHE C 247 -17.63 0.89 25.04
N ALA C 248 -16.83 0.80 23.98
CA ALA C 248 -17.22 1.31 22.67
C ALA C 248 -16.96 0.25 21.61
N THR C 249 -17.87 0.17 20.64
CA THR C 249 -17.79 -0.80 19.56
C THR C 249 -17.74 -0.06 18.23
N GLY C 250 -16.80 -0.44 17.38
CA GLY C 250 -16.66 0.17 16.07
C GLY C 250 -16.90 -0.80 14.94
N SER C 251 -17.84 -0.48 14.05
CA SER C 251 -18.19 -1.33 12.93
C SER C 251 -17.73 -0.71 11.62
N ASP C 252 -17.91 -1.46 10.54
CA ASP C 252 -17.46 -1.02 9.22
C ASP C 252 -18.45 -0.10 8.51
N ASP C 253 -19.59 0.21 9.14
CA ASP C 253 -20.55 1.15 8.58
C ASP C 253 -20.37 2.54 9.16
N ALA C 254 -19.13 2.91 9.51
CA ALA C 254 -18.81 4.21 10.10
C ALA C 254 -19.64 4.48 11.35
N THR C 255 -19.78 3.45 12.20
CA THR C 255 -20.59 3.54 13.40
C THR C 255 -19.75 3.13 14.60
N CYS C 256 -19.60 4.06 15.56
CA CYS C 256 -19.00 3.77 16.86
C CYS C 256 -20.08 3.99 17.91
N ARG C 257 -20.48 2.92 18.58
CA ARG C 257 -21.57 2.94 19.54
C ARG C 257 -21.04 2.68 20.95
N LEU C 258 -21.48 3.50 21.91
CA LEU C 258 -21.04 3.38 23.29
C LEU C 258 -22.07 2.58 24.07
N PHE C 259 -21.62 1.52 24.74
CA PHE C 259 -22.49 0.63 25.50
C PHE C 259 -22.05 0.63 26.97
N ASP C 260 -23.01 0.86 27.86
CA ASP C 260 -22.75 0.77 29.29
C ASP C 260 -23.10 -0.63 29.80
N LEU C 261 -22.33 -1.09 30.77
CA LEU C 261 -22.54 -2.44 31.30
C LEU C 261 -23.76 -2.50 32.22
N ARG C 262 -23.76 -1.69 33.29
CA ARG C 262 -24.88 -1.71 34.23
C ARG C 262 -26.17 -1.26 33.57
N ALA C 263 -26.12 -0.21 32.75
CA ALA C 263 -27.31 0.26 32.05
C ALA C 263 -27.79 -0.78 31.03
N ASP C 264 -26.85 -1.41 30.33
CA ASP C 264 -27.15 -2.39 29.28
C ASP C 264 -28.07 -1.75 28.23
N GLN C 265 -27.61 -0.60 27.72
CA GLN C 265 -28.40 0.19 26.79
C GLN C 265 -27.51 0.66 25.66
N GLU C 266 -28.12 0.90 24.49
CA GLU C 266 -27.43 1.65 23.44
C GLU C 266 -27.44 3.12 23.82
N LEU C 267 -26.26 3.66 24.13
CA LEU C 267 -26.18 4.97 24.75
C LEU C 267 -26.09 6.09 23.71
N MET C 268 -25.05 6.07 22.88
CA MET C 268 -24.83 7.16 21.93
C MET C 268 -23.88 6.67 20.84
N THR C 269 -24.08 7.21 19.64
CA THR C 269 -23.42 6.70 18.44
C THR C 269 -22.76 7.83 17.68
N TYR C 270 -21.69 7.49 16.95
CA TYR C 270 -20.93 8.44 16.14
C TYR C 270 -21.39 8.35 14.68
N SER C 271 -22.59 8.86 14.43
CA SER C 271 -23.16 8.86 13.09
C SER C 271 -22.94 10.22 12.44
N HIS C 272 -22.23 10.22 11.32
CA HIS C 272 -21.93 11.45 10.60
C HIS C 272 -22.03 11.20 9.10
N ASP C 273 -22.39 12.24 8.36
CA ASP C 273 -22.52 12.13 6.91
C ASP C 273 -21.18 12.08 6.20
N ASN C 274 -20.17 12.79 6.71
CA ASN C 274 -18.87 12.81 6.05
C ASN C 274 -18.23 11.43 6.05
N ILE C 275 -18.32 10.71 7.17
CA ILE C 275 -17.73 9.38 7.27
C ILE C 275 -18.67 8.36 6.63
N ILE C 276 -18.15 7.60 5.67
CA ILE C 276 -18.91 6.56 4.99
C ILE C 276 -18.10 5.27 4.96
N CYS C 277 -16.82 5.38 5.27
CA CYS C 277 -15.91 4.23 5.21
C CYS C 277 -16.08 3.39 6.48
N GLY C 278 -15.20 2.40 6.64
CA GLY C 278 -15.24 1.53 7.79
C GLY C 278 -14.38 2.03 8.94
N ILE C 279 -14.33 1.22 9.99
CA ILE C 279 -13.55 1.50 11.19
C ILE C 279 -12.69 0.27 11.48
N THR C 280 -11.47 0.50 11.96
CA THR C 280 -10.56 -0.59 12.28
C THR C 280 -10.11 -0.62 13.73
N SER C 281 -9.78 0.53 14.32
CA SER C 281 -9.28 0.59 15.68
C SER C 281 -10.03 1.65 16.46
N VAL C 282 -10.36 1.33 17.71
CA VAL C 282 -11.04 2.25 18.62
C VAL C 282 -10.33 2.20 19.97
N SER C 283 -10.02 3.37 20.52
CA SER C 283 -9.38 3.47 21.83
C SER C 283 -10.03 4.60 22.61
N PHE C 284 -9.59 4.77 23.86
CA PHE C 284 -10.11 5.81 24.72
C PHE C 284 -8.94 6.66 25.23
N SER C 285 -9.23 7.56 26.16
CA SER C 285 -8.23 8.41 26.79
C SER C 285 -8.06 8.01 28.24
N LYS C 286 -7.17 8.71 28.95
CA LYS C 286 -6.96 8.43 30.36
C LYS C 286 -8.21 8.70 31.18
N SER C 287 -8.87 9.84 30.93
CA SER C 287 -10.14 10.14 31.60
C SER C 287 -11.34 9.61 30.85
N GLY C 288 -11.15 9.15 29.62
CA GLY C 288 -12.24 8.63 28.82
C GLY C 288 -13.08 9.67 28.10
N ARG C 289 -12.74 10.95 28.21
CA ARG C 289 -13.50 11.98 27.54
C ARG C 289 -13.27 11.97 26.03
N LEU C 290 -12.08 11.56 25.59
CA LEU C 290 -11.75 11.50 24.17
C LEU C 290 -11.77 10.05 23.71
N LEU C 291 -12.54 9.79 22.66
CA LEU C 291 -12.59 8.47 22.03
C LEU C 291 -11.86 8.56 20.69
N LEU C 292 -10.76 7.83 20.56
CA LEU C 292 -9.91 7.90 19.38
C LEU C 292 -10.19 6.69 18.50
N ALA C 293 -10.81 6.93 17.35
CA ALA C 293 -11.21 5.87 16.42
C ALA C 293 -10.43 6.00 15.12
N GLY C 294 -10.24 4.88 14.45
CA GLY C 294 -9.55 4.86 13.18
C GLY C 294 -10.45 4.43 12.05
N TYR C 295 -10.57 5.26 11.01
CA TYR C 295 -11.46 5.01 9.90
C TYR C 295 -10.67 4.69 8.63
N ASP C 296 -11.36 4.07 7.67
CA ASP C 296 -10.75 3.66 6.40
C ASP C 296 -10.51 4.83 5.45
N ASP C 297 -10.81 6.05 5.88
CA ASP C 297 -10.57 7.26 5.09
C ASP C 297 -9.17 7.81 5.26
N PHE C 298 -8.21 6.97 5.65
CA PHE C 298 -6.78 7.28 5.67
C PHE C 298 -6.40 8.29 6.75
N ASN C 299 -7.27 8.52 7.74
CA ASN C 299 -6.92 9.35 8.87
C ASN C 299 -7.80 8.98 10.06
N CYS C 300 -7.33 9.31 11.27
CA CYS C 300 -8.02 8.95 12.49
C CYS C 300 -8.80 10.13 13.05
N ASN C 301 -9.91 9.82 13.70
CA ASN C 301 -10.77 10.82 14.32
C ASN C 301 -10.68 10.71 15.83
N VAL C 302 -10.85 11.86 16.49
CA VAL C 302 -10.85 11.95 17.95
C VAL C 302 -12.15 12.64 18.33
N TRP C 303 -13.13 11.85 18.77
CA TRP C 303 -14.45 12.34 19.13
C TRP C 303 -14.49 12.65 20.62
N ASP C 304 -15.46 13.49 21.00
CA ASP C 304 -15.74 13.73 22.41
C ASP C 304 -16.74 12.67 22.86
N ALA C 305 -16.39 11.92 23.92
CA ALA C 305 -17.23 10.80 24.34
C ALA C 305 -18.58 11.27 24.88
N LEU C 306 -18.68 12.54 25.26
CA LEU C 306 -19.92 13.06 25.84
C LEU C 306 -20.68 13.95 24.88
N LYS C 307 -20.03 14.95 24.29
CA LYS C 307 -20.70 15.93 23.46
C LYS C 307 -21.15 15.38 22.11
N ALA C 308 -20.72 14.16 21.76
CA ALA C 308 -21.11 13.51 20.50
C ALA C 308 -20.70 14.36 19.29
N ASP C 309 -19.54 15.00 19.38
CA ASP C 309 -19.01 15.80 18.29
C ASP C 309 -17.53 15.50 18.11
N ARG C 310 -17.04 15.71 16.89
CA ARG C 310 -15.64 15.48 16.60
C ARG C 310 -14.78 16.60 17.17
N ALA C 311 -13.63 16.23 17.72
CA ALA C 311 -12.72 17.19 18.33
C ALA C 311 -11.33 17.24 17.71
N GLY C 312 -10.87 16.16 17.08
CA GLY C 312 -9.53 16.17 16.50
C GLY C 312 -9.42 15.27 15.29
N VAL C 313 -8.46 15.59 14.44
CA VAL C 313 -8.15 14.82 13.25
C VAL C 313 -6.65 14.53 13.24
N LEU C 314 -6.29 13.29 12.97
CA LEU C 314 -4.90 12.84 12.98
C LEU C 314 -4.40 12.53 11.57
N ALA C 315 -4.72 13.39 10.61
CA ALA C 315 -4.41 13.13 9.22
C ALA C 315 -2.92 13.27 8.94
N GLY C 316 -2.17 12.19 9.13
CA GLY C 316 -0.76 12.17 8.81
C GLY C 316 -0.35 10.95 8.00
N HIS C 317 -1.23 9.96 7.95
CA HIS C 317 -0.96 8.72 7.24
C HIS C 317 -1.44 8.78 5.80
N ASP C 318 -0.98 7.82 4.99
CA ASP C 318 -1.31 7.75 3.58
C ASP C 318 -1.86 6.38 3.21
N ASN C 319 -2.47 5.69 4.16
CA ASN C 319 -3.02 4.36 3.90
C ASN C 319 -4.08 4.06 4.95
N ARG C 320 -4.76 2.94 4.77
CA ARG C 320 -5.81 2.52 5.71
C ARG C 320 -5.22 2.30 7.11
N VAL C 321 -5.90 2.83 8.12
CA VAL C 321 -5.45 2.67 9.49
C VAL C 321 -5.71 1.25 9.97
N SER C 322 -4.79 0.72 10.77
CA SER C 322 -4.96 -0.62 11.29
C SER C 322 -4.84 -0.71 12.80
N CYS C 323 -3.93 0.04 13.40
CA CYS C 323 -3.70 -0.08 14.84
C CYS C 323 -3.67 1.28 15.50
N LEU C 324 -4.40 1.41 16.61
CA LEU C 324 -4.38 2.59 17.44
C LEU C 324 -4.07 2.19 18.89
N GLY C 325 -3.33 3.05 19.58
CA GLY C 325 -3.02 2.79 20.97
C GLY C 325 -2.92 4.06 21.80
N VAL C 326 -3.43 4.01 23.03
CA VAL C 326 -3.34 5.11 23.96
C VAL C 326 -2.77 4.58 25.28
N THR C 327 -1.79 5.28 25.83
CA THR C 327 -1.14 4.85 27.06
C THR C 327 -2.12 4.89 28.23
N ASP C 328 -1.74 4.21 29.31
CA ASP C 328 -2.59 4.16 30.50
C ASP C 328 -2.79 5.55 31.09
N ASP C 329 -1.73 6.35 31.12
CA ASP C 329 -1.81 7.73 31.61
C ASP C 329 -2.23 8.71 30.52
N GLY C 330 -2.44 8.25 29.29
CA GLY C 330 -2.80 9.14 28.21
C GLY C 330 -1.69 10.06 27.77
N MET C 331 -0.43 9.66 27.99
CA MET C 331 0.70 10.52 27.64
C MET C 331 0.80 10.74 26.13
N ALA C 332 0.59 9.69 25.34
CA ALA C 332 0.76 9.79 23.90
C ALA C 332 -0.15 8.78 23.22
N VAL C 333 -0.38 8.99 21.92
CA VAL C 333 -1.20 8.12 21.09
C VAL C 333 -0.36 7.65 19.91
N ALA C 334 -0.38 6.33 19.67
CA ALA C 334 0.34 5.73 18.56
C ALA C 334 -0.63 5.26 17.49
N THR C 335 -0.31 5.60 16.25
CA THR C 335 -1.14 5.29 15.10
C THR C 335 -0.30 4.55 14.06
N GLY C 336 -0.80 3.42 13.57
CA GLY C 336 -0.14 2.69 12.52
C GLY C 336 -1.11 2.29 11.41
N SER C 337 -0.85 2.78 10.19
CA SER C 337 -1.79 2.66 9.07
C SER C 337 -1.10 2.10 7.82
N TRP C 338 -0.96 0.77 7.76
CA TRP C 338 -0.65 0.05 6.52
C TRP C 338 0.53 0.63 5.74
N ASP C 339 1.39 1.43 6.39
CA ASP C 339 2.47 2.10 5.68
C ASP C 339 3.83 1.82 6.32
N SER C 340 3.92 0.79 7.16
CA SER C 340 5.14 0.41 7.87
C SER C 340 5.66 1.56 8.75
N PHE C 341 4.81 2.51 9.10
CA PHE C 341 5.20 3.68 9.88
C PHE C 341 4.29 3.80 11.10
N LEU C 342 4.88 4.13 12.23
CA LEU C 342 4.13 4.47 13.43
C LEU C 342 4.26 5.98 13.67
N LYS C 343 3.18 6.60 14.13
CA LYS C 343 3.18 8.04 14.41
C LYS C 343 2.70 8.28 15.83
N ILE C 344 3.44 9.11 16.56
CA ILE C 344 3.15 9.44 17.95
C ILE C 344 2.57 10.84 18.00
N TRP C 345 1.43 10.98 18.68
CA TRP C 345 0.69 12.23 18.75
C TRP C 345 0.46 12.59 20.22
N ASN C 346 0.52 13.88 20.52
CA ASN C 346 0.25 14.36 21.87
C ASN C 346 -0.80 15.46 21.87
N THR D 6 -31.63 -34.50 18.45
CA THR D 6 -31.02 -34.07 19.71
C THR D 6 -29.90 -33.08 19.47
N ALA D 7 -29.06 -33.37 18.48
CA ALA D 7 -27.94 -32.49 18.17
C ALA D 7 -28.39 -31.19 17.52
N SER D 8 -29.47 -31.22 16.74
CA SER D 8 -29.96 -30.02 16.08
C SER D 8 -30.77 -29.13 17.02
N ILE D 9 -31.11 -29.61 18.21
CA ILE D 9 -31.90 -28.85 19.16
C ILE D 9 -31.11 -28.50 20.42
N ALA D 10 -29.97 -29.16 20.66
CA ALA D 10 -29.18 -28.86 21.86
C ALA D 10 -28.65 -27.43 21.82
N GLN D 11 -28.15 -26.99 20.67
CA GLN D 11 -27.64 -25.62 20.56
C GLN D 11 -28.76 -24.60 20.71
N ALA D 12 -29.95 -24.91 20.19
CA ALA D 12 -31.08 -24.02 20.38
C ALA D 12 -31.48 -23.92 21.84
N ARG D 13 -31.49 -25.05 22.54
CA ARG D 13 -31.79 -25.03 23.97
C ARG D 13 -30.74 -24.22 24.75
N LYS D 14 -29.47 -24.41 24.40
CA LYS D 14 -28.41 -23.64 25.08
C LYS D 14 -28.58 -22.15 24.82
N LEU D 15 -28.88 -21.77 23.58
CA LEU D 15 -29.02 -20.35 23.24
C LEU D 15 -30.21 -19.73 23.98
N VAL D 16 -31.34 -20.43 23.99
CA VAL D 16 -32.52 -19.86 24.65
C VAL D 16 -32.31 -19.81 26.17
N GLU D 17 -31.64 -20.82 26.74
CA GLU D 17 -31.36 -20.78 28.17
C GLU D 17 -30.42 -19.63 28.52
N GLN D 18 -29.39 -19.42 27.72
CA GLN D 18 -28.48 -18.30 27.96
C GLN D 18 -29.20 -16.97 27.85
N LEU D 19 -30.01 -16.80 26.81
CA LEU D 19 -30.75 -15.54 26.65
C LEU D 19 -31.77 -15.34 27.76
N LYS D 20 -32.30 -16.43 28.31
CA LYS D 20 -33.26 -16.31 29.40
C LYS D 20 -32.58 -15.92 30.71
N MET D 21 -31.45 -16.54 31.03
CA MET D 21 -30.82 -16.27 32.31
C MET D 21 -29.90 -15.05 32.26
N GLU D 22 -29.64 -14.49 31.07
CA GLU D 22 -28.96 -13.21 30.99
C GLU D 22 -29.87 -12.04 31.34
N ALA D 23 -31.18 -12.24 31.33
CA ALA D 23 -32.14 -11.18 31.63
C ALA D 23 -32.46 -11.06 33.11
N ASN D 24 -31.87 -11.89 33.95
CA ASN D 24 -32.11 -11.86 35.39
C ASN D 24 -31.15 -10.92 36.12
N ILE D 25 -30.27 -10.24 35.40
CA ILE D 25 -29.32 -9.33 36.04
C ILE D 25 -30.02 -8.04 36.46
N ASP D 26 -29.43 -7.36 37.43
CA ASP D 26 -29.95 -6.08 37.89
C ASP D 26 -29.43 -4.96 37.01
N ARG D 27 -30.33 -4.10 36.55
CA ARG D 27 -30.00 -3.00 35.66
C ARG D 27 -30.40 -1.68 36.30
N ILE D 28 -29.52 -0.69 36.20
CA ILE D 28 -29.78 0.64 36.72
C ILE D 28 -30.25 1.52 35.57
N LYS D 29 -30.83 2.67 35.91
CA LYS D 29 -31.29 3.61 34.90
C LYS D 29 -30.12 4.17 34.11
N VAL D 30 -30.36 4.46 32.84
CA VAL D 30 -29.31 4.99 31.97
C VAL D 30 -28.85 6.35 32.45
N SER D 31 -29.72 7.11 33.11
CA SER D 31 -29.33 8.41 33.63
C SER D 31 -28.25 8.27 34.69
N LYS D 32 -28.38 7.28 35.57
CA LYS D 32 -27.36 7.05 36.60
C LYS D 32 -26.03 6.68 35.97
N ALA D 33 -26.04 5.81 34.95
CA ALA D 33 -24.80 5.43 34.28
C ALA D 33 -24.16 6.63 33.60
N ALA D 34 -24.97 7.47 32.95
CA ALA D 34 -24.43 8.68 32.33
C ALA D 34 -23.84 9.62 33.37
N ALA D 35 -24.50 9.75 34.53
CA ALA D 35 -23.97 10.59 35.59
C ALA D 35 -22.63 10.05 36.10
N ASP D 36 -22.53 8.73 36.27
CA ASP D 36 -21.25 8.15 36.71
C ASP D 36 -20.16 8.38 35.66
N LEU D 37 -20.49 8.22 34.37
CA LEU D 37 -19.50 8.44 33.33
C LEU D 37 -19.03 9.89 33.32
N MET D 38 -19.96 10.84 33.44
CA MET D 38 -19.57 12.25 33.48
C MET D 38 -18.73 12.57 34.70
N ALA D 39 -19.10 12.00 35.86
CA ALA D 39 -18.32 12.23 37.07
C ALA D 39 -16.91 11.69 36.93
N TYR D 40 -16.76 10.49 36.35
CA TYR D 40 -15.43 9.95 36.16
C TYR D 40 -14.64 10.76 35.14
N CYS D 41 -15.30 11.25 34.08
CA CYS D 41 -14.61 12.09 33.11
C CYS D 41 -14.10 13.38 33.73
N GLU D 42 -14.93 14.02 34.58
CA GLU D 42 -14.52 15.26 35.22
C GLU D 42 -13.53 15.04 36.36
N ALA D 43 -13.50 13.83 36.94
CA ALA D 43 -12.56 13.57 38.03
C ALA D 43 -11.14 13.47 37.53
N HIS D 44 -10.93 12.84 36.38
CA HIS D 44 -9.60 12.67 35.80
C HIS D 44 -9.32 13.63 34.66
N ALA D 45 -10.15 14.66 34.50
CA ALA D 45 -9.95 15.62 33.41
C ALA D 45 -8.65 16.40 33.59
N LYS D 46 -8.31 16.79 34.82
CA LYS D 46 -7.08 17.54 35.05
C LYS D 46 -5.85 16.71 34.72
N GLU D 47 -5.85 15.43 35.10
CA GLU D 47 -4.71 14.54 34.84
C GLU D 47 -4.91 13.77 33.53
N ASP D 48 -5.09 14.54 32.45
CA ASP D 48 -5.26 13.98 31.11
C ASP D 48 -4.48 14.84 30.13
N PRO D 49 -3.33 14.36 29.65
CA PRO D 49 -2.57 15.14 28.66
C PRO D 49 -3.33 15.38 27.37
N LEU D 50 -4.21 14.47 26.97
CA LEU D 50 -4.95 14.64 25.72
C LEU D 50 -5.93 15.80 25.79
N LEU D 51 -6.68 15.88 26.89
CA LEU D 51 -7.63 16.98 27.05
C LEU D 51 -6.90 18.30 27.28
N THR D 52 -5.93 18.31 28.18
CA THR D 52 -5.17 19.52 28.50
C THR D 52 -3.75 19.39 28.00
N PRO D 53 -3.36 20.09 26.94
CA PRO D 53 -1.98 19.98 26.44
C PRO D 53 -0.98 20.43 27.48
N VAL D 54 -0.17 19.49 27.95
CA VAL D 54 0.83 19.75 28.99
C VAL D 54 2.00 20.50 28.38
N PRO D 55 2.70 21.33 29.15
CA PRO D 55 3.89 22.00 28.61
C PRO D 55 5.00 21.01 28.30
N ALA D 56 5.85 21.39 27.34
CA ALA D 56 6.93 20.54 26.87
C ALA D 56 8.05 20.37 27.88
N SER D 57 8.05 21.13 28.98
CA SER D 57 9.12 21.03 29.97
C SER D 57 9.16 19.64 30.60
N GLU D 58 8.00 19.13 31.03
CA GLU D 58 7.92 17.80 31.62
C GLU D 58 7.36 16.77 30.66
N ASN D 59 7.08 17.16 29.42
CA ASN D 59 6.57 16.24 28.43
C ASN D 59 7.70 15.31 27.98
N PRO D 60 7.59 13.99 28.18
CA PRO D 60 8.66 13.10 27.73
C PRO D 60 8.75 12.95 26.22
N PHE D 61 7.70 13.28 25.48
CA PHE D 61 7.76 13.35 24.02
C PHE D 61 7.95 14.76 23.50
N ARG D 62 8.29 15.72 24.38
CA ARG D 62 8.58 17.12 24.05
C ARG D 62 7.69 17.69 22.93
O2B 6AD E . 23.49 30.64 -33.16
PB 6AD E . 23.72 31.09 -31.76
O3B 6AD E . 22.59 30.64 -30.89
O1B 6AD E . 23.82 32.59 -31.72
O3A 6AD E . 25.15 30.41 -31.21
PA 6AD E . 25.29 28.79 -30.80
O2A 6AD E . 26.75 28.42 -30.67
O1A 6AD E . 24.64 27.97 -31.85
O5' 6AD E . 24.53 28.54 -29.34
C5' 6AD E . 24.41 29.63 -28.46
C4' 6AD E . 25.17 29.31 -27.15
O4' 6AD E . 25.30 28.01 -26.96
C3' 6AD E . 26.64 29.90 -27.20
O3' 6AD E . 26.97 30.45 -25.97
C2' 6AD E . 27.51 28.69 -27.49
O2' 6AD E . 28.75 28.84 -26.95
C1' 6AD E . 26.87 27.68 -26.87
N9 6AD E . 26.78 26.29 -27.42
C8 6AD E . 26.82 25.98 -28.70
N7 6AD E . 26.72 24.64 -28.85
C5 6AD E . 26.60 24.10 -27.63
C4 6AD E . 26.65 25.13 -26.70
N3 6AD E . 26.55 24.85 -25.39
C2 6AD E . 26.42 23.56 -24.97
S1 6AD E . 26.30 23.21 -23.17
C11 6AD E . 27.20 21.66 -22.80
N1 6AD E . 26.39 22.56 -25.82
C6 6AD E . 26.47 22.77 -27.17
N6 6AD E . 26.44 21.66 -28.11
#